data_1YVP
#
_entry.id   1YVP
#
_cell.length_a   60.30
_cell.length_b   153.65
_cell.length_c   80.56
_cell.angle_alpha   90
_cell.angle_beta   92.8
_cell.angle_gamma   90
#
_symmetry.space_group_name_H-M   'P 1 21 1'
#
loop_
_entity.id
_entity.type
_entity.pdbx_description
1 polymer 'Y RNA sequence, first strand'
2 polymer 'Y RNA sequence, second strand'
3 polymer '60-kDa SS-A/Ro ribonucleoprotein'
4 non-polymer 'ACETATE ION'
5 non-polymer 'MAGNESIUM ION'
6 water water
#
loop_
_entity_poly.entity_id
_entity_poly.type
_entity_poly.pdbx_seq_one_letter_code
_entity_poly.pdbx_strand_id
1 'polyribonucleotide' GC(IU)GGUCCGA C,E,G,H
2 'polyribonucleotide' (IU)(IU)GAC(IU)AGCC D,F
3 'polypeptide(L)'
;MEATMDQTQPLNEKQVPNSEGCYVWQVSDMNRLRRFLCFGSEGGTYYIEEKKLGQENAEALLRLIEDGKGCEVVQEIKTF
SQEGRAAKQEPTLFALAVCSQCSDIKTKQAAFRAVPEVCRIPTHLFTFIQFKKDLKEGMKCGMWGRALRKAVSDWYNTKD
ALNLAMAVTKYKQRNGWSHKDLLRLSHIKPANEGLTMVAKYVSKGWKEVQEAYKEKELSPETEKVLKYLEATERVKRTKD
ELEIIHLIDEYRLVREHLLTIHLKSKEIWKSLLQDMPLTALLRNLGKMTADSVLAPASSEVSSVCERLTNEKLLKKARIH
PFHILVALETYKKGHGNRGKLRWIPDTSIVEALDNAFYKSFKLVEPTGKRFLLAIDVSASMNQRVLGSILNASVVAAAMC
MLVARTEKDSHMVAFSDEMLPCPITVNMLLHEVVEKMSDITMGSTDCALPMLWAQKTNTAADIFIVFTDCETNVEDVHPA
TALKQYREKMGIPAKLIVCAMTSNGFSIADPDDRGMLDICGFDSGALDVIRNFTLDLI
;
A,B
#
# COMPACT_ATOMS: atom_id res chain seq x y z
N MET G 5 52.89 -27.23 13.04
CA MET G 5 51.48 -26.86 13.40
C MET G 5 51.18 -25.42 13.05
N ASP G 6 50.29 -25.22 12.09
CA ASP G 6 49.89 -23.89 11.70
C ASP G 6 48.37 -23.80 11.60
N GLN G 7 47.89 -22.67 11.11
CA GLN G 7 46.45 -22.43 10.99
C GLN G 7 45.68 -23.44 10.18
N THR G 8 46.34 -24.11 9.24
CA THR G 8 45.66 -25.11 8.41
C THR G 8 45.39 -26.39 9.19
N GLN G 9 45.89 -26.45 10.42
CA GLN G 9 45.69 -27.62 11.28
C GLN G 9 44.98 -27.23 12.56
N PRO G 10 44.07 -28.08 13.02
CA PRO G 10 43.34 -27.76 14.26
C PRO G 10 44.25 -27.82 15.48
N LEU G 11 44.05 -26.89 16.41
CA LEU G 11 44.85 -26.83 17.63
C LEU G 11 44.37 -27.91 18.59
N ASN G 12 43.06 -28.15 18.58
CA ASN G 12 42.47 -29.16 19.44
C ASN G 12 41.12 -29.57 18.87
N GLU G 13 40.51 -30.60 19.46
CA GLU G 13 39.22 -31.10 18.99
C GLU G 13 38.10 -30.06 18.99
N LYS G 14 38.22 -29.03 19.82
CA LYS G 14 37.19 -28.00 19.89
C LYS G 14 37.17 -27.09 18.65
N GLN G 15 38.28 -27.05 17.91
CA GLN G 15 38.37 -26.20 16.72
C GLN G 15 37.65 -26.72 15.49
N VAL G 16 37.18 -25.80 14.67
CA VAL G 16 36.47 -26.10 13.42
C VAL G 16 37.09 -25.23 12.32
N PRO G 17 36.85 -25.59 11.05
CA PRO G 17 37.39 -24.81 9.94
C PRO G 17 36.54 -23.59 9.59
N ASN G 18 37.19 -22.48 9.23
CA ASN G 18 36.45 -21.29 8.87
C ASN G 18 36.16 -21.38 7.36
N SER G 19 35.67 -20.30 6.78
CA SER G 19 35.33 -20.30 5.35
C SER G 19 36.49 -20.69 4.44
N GLU G 20 37.71 -20.37 4.84
CA GLU G 20 38.89 -20.69 4.02
C GLU G 20 39.43 -22.10 4.29
N GLY G 21 38.81 -22.80 5.23
CA GLY G 21 39.26 -24.13 5.55
C GLY G 21 40.29 -24.17 6.67
N CYS G 22 40.65 -22.99 7.19
CA CYS G 22 41.62 -22.96 8.28
C CYS G 22 40.89 -23.08 9.61
N TYR G 23 41.61 -23.55 10.62
CA TYR G 23 41.01 -23.77 11.92
C TYR G 23 40.99 -22.64 12.91
N VAL G 24 39.80 -22.44 13.47
CA VAL G 24 39.54 -21.40 14.46
C VAL G 24 38.53 -22.02 15.41
N TRP G 25 38.00 -21.22 16.32
CA TRP G 25 37.00 -21.70 17.26
C TRP G 25 35.63 -21.17 16.86
N GLN G 26 34.59 -21.85 17.32
CA GLN G 26 33.23 -21.45 17.06
C GLN G 26 32.92 -20.45 18.16
N VAL G 27 32.52 -19.24 17.78
CA VAL G 27 32.19 -18.23 18.78
C VAL G 27 30.95 -18.74 19.54
N SER G 28 30.85 -18.43 20.83
CA SER G 28 29.70 -18.89 21.63
C SER G 28 28.41 -18.33 21.04
N ASP G 29 27.31 -19.06 21.21
CA ASP G 29 26.02 -18.64 20.68
C ASP G 29 25.54 -17.28 21.18
N MET G 30 25.72 -16.99 22.47
CA MET G 30 25.32 -15.71 23.02
C MET G 30 26.16 -14.59 22.38
N ASN G 31 27.43 -14.90 22.10
CA ASN G 31 28.32 -13.93 21.49
C ASN G 31 27.94 -13.74 20.04
N ARG G 32 27.50 -14.80 19.38
CA ARG G 32 27.11 -14.66 18.00
C ARG G 32 25.82 -13.85 17.93
N LEU G 33 24.98 -13.98 18.96
CA LEU G 33 23.73 -13.24 19.00
C LEU G 33 24.05 -11.75 18.99
N ARG G 34 25.03 -11.35 19.79
CA ARG G 34 25.42 -9.94 19.85
C ARG G 34 25.98 -9.45 18.51
N ARG G 35 26.77 -10.28 17.84
CA ARG G 35 27.31 -9.91 16.54
C ARG G 35 26.15 -9.67 15.58
N PHE G 36 25.16 -10.55 15.66
CA PHE G 36 23.99 -10.44 14.80
C PHE G 36 23.21 -9.16 15.11
N LEU G 37 23.04 -8.85 16.39
CA LEU G 37 22.31 -7.66 16.79
C LEU G 37 23.00 -6.40 16.26
N CYS G 38 24.32 -6.40 16.23
CA CYS G 38 25.06 -5.23 15.76
C CYS G 38 25.31 -5.13 14.25
N PHE G 39 25.49 -6.26 13.59
CA PHE G 39 25.78 -6.25 12.16
C PHE G 39 24.69 -6.83 11.27
N GLY G 40 23.76 -7.59 11.85
CA GLY G 40 22.71 -8.20 11.06
C GLY G 40 23.32 -9.18 10.07
N SER G 41 22.58 -9.58 9.06
CA SER G 41 23.10 -10.52 8.06
C SER G 41 22.91 -10.02 6.64
N GLU G 42 22.26 -8.88 6.49
CA GLU G 42 22.01 -8.29 5.18
C GLU G 42 23.33 -8.09 4.45
N GLY G 43 23.38 -8.50 3.18
CA GLY G 43 24.61 -8.35 2.44
C GLY G 43 25.59 -9.49 2.68
N GLY G 44 25.32 -10.31 3.70
CA GLY G 44 26.20 -11.43 4.02
C GLY G 44 27.63 -10.97 4.19
N THR G 45 28.60 -11.88 4.08
CA THR G 45 29.99 -11.48 4.21
C THR G 45 30.74 -11.81 2.93
N TYR G 46 32.04 -11.57 2.94
CA TYR G 46 32.90 -11.84 1.80
C TYR G 46 32.81 -13.33 1.41
N TYR G 47 32.59 -14.18 2.40
CA TYR G 47 32.52 -15.63 2.18
C TYR G 47 31.14 -16.27 2.22
N ILE G 48 30.24 -15.70 3.01
CA ILE G 48 28.91 -16.26 3.18
C ILE G 48 27.83 -15.40 2.54
N GLU G 49 26.94 -16.02 1.78
CA GLU G 49 25.87 -15.28 1.14
C GLU G 49 24.82 -14.84 2.15
N GLU G 50 24.21 -13.71 1.87
CA GLU G 50 23.18 -13.12 2.72
C GLU G 50 22.19 -14.12 3.32
N LYS G 51 21.49 -14.86 2.47
CA LYS G 51 20.51 -15.84 2.94
C LYS G 51 21.14 -16.87 3.88
N LYS G 52 22.26 -17.43 3.48
CA LYS G 52 22.96 -18.41 4.30
C LYS G 52 23.35 -17.81 5.65
N LEU G 53 23.85 -16.58 5.63
CA LEU G 53 24.26 -15.92 6.87
C LEU G 53 23.08 -15.77 7.80
N GLY G 54 21.93 -15.44 7.22
CA GLY G 54 20.72 -15.30 8.01
C GLY G 54 20.32 -16.60 8.68
N GLN G 55 20.36 -17.70 7.92
CA GLN G 55 20.00 -19.02 8.44
C GLN G 55 20.97 -19.45 9.55
N GLU G 56 22.25 -19.14 9.35
CA GLU G 56 23.26 -19.50 10.34
C GLU G 56 22.96 -18.86 11.69
N ASN G 57 22.72 -17.56 11.71
CA ASN G 57 22.42 -16.88 12.96
C ASN G 57 21.07 -17.34 13.52
N ALA G 58 20.11 -17.62 12.63
CA ALA G 58 18.80 -18.10 13.05
C ALA G 58 18.99 -19.45 13.73
N GLU G 59 19.90 -20.26 13.18
CA GLU G 59 20.21 -21.57 13.75
C GLU G 59 20.74 -21.40 15.18
N ALA G 60 21.70 -20.49 15.34
CA ALA G 60 22.31 -20.21 16.64
C ALA G 60 21.27 -19.77 17.65
N LEU G 61 20.30 -18.99 17.19
CA LEU G 61 19.22 -18.49 18.03
C LEU G 61 18.38 -19.66 18.53
N LEU G 62 17.96 -20.52 17.61
CA LEU G 62 17.15 -21.69 17.95
C LEU G 62 17.90 -22.62 18.89
N ARG G 63 19.22 -22.67 18.74
CA ARG G 63 20.06 -23.51 19.57
C ARG G 63 20.04 -22.93 20.99
N LEU G 64 20.10 -21.61 21.10
CA LEU G 64 20.06 -20.97 22.40
C LEU G 64 18.75 -21.29 23.11
N ILE G 65 17.66 -21.18 22.37
CA ILE G 65 16.34 -21.45 22.93
C ILE G 65 16.24 -22.92 23.33
N GLU G 66 16.68 -23.81 22.45
CA GLU G 66 16.64 -25.24 22.71
C GLU G 66 17.46 -25.60 23.94
N ASP G 67 18.57 -24.91 24.14
CA ASP G 67 19.45 -25.16 25.27
C ASP G 67 18.92 -24.55 26.56
N GLY G 68 17.72 -23.99 26.50
CA GLY G 68 17.11 -23.40 27.68
C GLY G 68 17.64 -22.04 28.07
N LYS G 69 18.16 -21.28 27.12
CA LYS G 69 18.69 -19.96 27.42
C LYS G 69 17.82 -18.87 26.81
N GLY G 70 16.61 -19.27 26.40
CA GLY G 70 15.66 -18.35 25.78
C GLY G 70 15.41 -17.06 26.54
N CYS G 71 15.35 -17.14 27.87
CA CYS G 71 15.11 -15.94 28.66
C CYS G 71 16.33 -15.04 28.69
N GLU G 72 17.51 -15.63 28.58
CA GLU G 72 18.74 -14.86 28.56
C GLU G 72 18.78 -14.11 27.24
N VAL G 73 18.32 -14.76 26.18
CA VAL G 73 18.29 -14.15 24.86
C VAL G 73 17.43 -12.89 24.93
N VAL G 74 16.18 -13.04 25.33
CA VAL G 74 15.25 -11.90 25.43
C VAL G 74 15.84 -10.78 26.28
N GLN G 75 16.48 -11.13 27.40
CA GLN G 75 17.08 -10.13 28.27
C GLN G 75 18.17 -9.34 27.55
N GLU G 76 18.97 -10.05 26.75
CA GLU G 76 20.05 -9.43 26.01
C GLU G 76 19.51 -8.54 24.89
N ILE G 77 18.43 -8.99 24.24
CA ILE G 77 17.80 -8.23 23.18
C ILE G 77 17.24 -6.93 23.76
N LYS G 78 16.55 -7.06 24.88
CA LYS G 78 15.95 -5.93 25.56
C LYS G 78 17.00 -4.92 26.00
N THR G 79 18.11 -5.41 26.54
CA THR G 79 19.18 -4.53 26.98
C THR G 79 19.79 -3.75 25.81
N PHE G 80 20.09 -4.44 24.73
CA PHE G 80 20.64 -3.78 23.56
C PHE G 80 19.67 -2.71 23.03
N SER G 81 18.39 -3.09 22.96
CA SER G 81 17.38 -2.17 22.47
C SER G 81 17.26 -0.92 23.33
N GLN G 82 16.99 -1.10 24.62
CA GLN G 82 16.83 0.02 25.54
C GLN G 82 18.02 0.97 25.59
N GLU G 83 19.23 0.41 25.58
CA GLU G 83 20.44 1.23 25.63
C GLU G 83 20.90 1.70 24.25
N GLY G 84 20.19 1.29 23.21
CA GLY G 84 20.55 1.68 21.85
C GLY G 84 21.94 1.28 21.40
N ARG G 85 22.40 0.12 21.83
CA ARG G 85 23.74 -0.34 21.47
C ARG G 85 23.88 -0.83 20.03
N ALA G 86 22.77 -1.03 19.32
CA ALA G 86 22.82 -1.50 17.93
C ALA G 86 22.34 -0.44 16.93
N ALA G 87 23.05 -0.32 15.80
CA ALA G 87 22.71 0.66 14.79
C ALA G 87 21.35 0.47 14.14
N LYS G 88 20.97 -0.79 13.88
CA LYS G 88 19.69 -1.07 13.23
C LYS G 88 18.80 -1.93 14.09
N GLN G 89 17.49 -1.78 13.89
CA GLN G 89 16.50 -2.52 14.67
C GLN G 89 16.08 -3.86 14.11
N GLU G 90 16.19 -4.04 12.79
CA GLU G 90 15.77 -5.29 12.17
C GLU G 90 16.26 -6.57 12.84
N PRO G 91 17.58 -6.66 13.13
CA PRO G 91 18.08 -7.88 13.77
C PRO G 91 17.47 -8.13 15.16
N THR G 92 17.43 -7.10 16.01
CA THR G 92 16.86 -7.32 17.35
C THR G 92 15.39 -7.70 17.27
N LEU G 93 14.65 -7.05 16.37
CA LEU G 93 13.22 -7.33 16.21
C LEU G 93 12.97 -8.72 15.61
N PHE G 94 13.83 -9.15 14.70
CA PHE G 94 13.69 -10.47 14.09
C PHE G 94 13.92 -11.51 15.18
N ALA G 95 14.91 -11.25 16.03
CA ALA G 95 15.26 -12.15 17.12
C ALA G 95 14.12 -12.22 18.14
N LEU G 96 13.52 -11.07 18.43
CA LEU G 96 12.42 -11.01 19.39
C LEU G 96 11.26 -11.81 18.79
N ALA G 97 11.07 -11.68 17.48
CA ALA G 97 9.99 -12.39 16.81
C ALA G 97 10.17 -13.91 16.95
N VAL G 98 11.40 -14.38 16.77
CA VAL G 98 11.69 -15.82 16.91
C VAL G 98 11.34 -16.29 18.31
N CYS G 99 11.81 -15.55 19.32
CA CYS G 99 11.55 -15.89 20.71
C CYS G 99 10.06 -15.89 21.07
N SER G 100 9.29 -15.02 20.43
CA SER G 100 7.86 -14.90 20.68
C SER G 100 7.08 -15.98 19.95
N GLN G 101 7.79 -16.77 19.16
CA GLN G 101 7.16 -17.79 18.34
C GLN G 101 7.67 -19.22 18.60
N CYS G 102 6.74 -20.13 18.86
CA CYS G 102 7.03 -21.55 19.10
C CYS G 102 8.01 -21.87 20.24
N SER G 103 8.73 -20.88 20.74
CA SER G 103 9.66 -21.15 21.82
C SER G 103 8.94 -21.69 23.04
N ASP G 104 9.71 -22.17 24.01
CA ASP G 104 9.13 -22.68 25.24
C ASP G 104 8.30 -21.55 25.81
N ILE G 105 7.26 -21.90 26.57
CA ILE G 105 6.36 -20.90 27.16
C ILE G 105 7.06 -19.78 27.93
N LYS G 106 8.13 -20.13 28.65
CA LYS G 106 8.86 -19.13 29.42
C LYS G 106 9.46 -18.08 28.48
N THR G 107 10.14 -18.55 27.44
CA THR G 107 10.77 -17.68 26.46
C THR G 107 9.76 -16.78 25.76
N LYS G 108 8.67 -17.39 25.30
CA LYS G 108 7.61 -16.69 24.61
C LYS G 108 7.02 -15.59 25.50
N GLN G 109 6.79 -15.92 26.77
CA GLN G 109 6.21 -14.97 27.71
C GLN G 109 7.15 -13.81 27.99
N ALA G 110 8.43 -14.08 28.11
CA ALA G 110 9.42 -13.03 28.36
C ALA G 110 9.50 -12.12 27.13
N ALA G 111 9.42 -12.72 25.96
CA ALA G 111 9.47 -11.98 24.70
C ALA G 111 8.34 -10.97 24.59
N PHE G 112 7.10 -11.42 24.76
CA PHE G 112 5.96 -10.52 24.67
C PHE G 112 6.00 -9.47 25.77
N ARG G 113 6.59 -9.84 26.89
CA ARG G 113 6.71 -8.94 28.02
C ARG G 113 7.66 -7.81 27.63
N ALA G 114 8.59 -8.11 26.71
CA ALA G 114 9.58 -7.13 26.27
C ALA G 114 9.11 -6.26 25.11
N VAL G 115 7.98 -6.61 24.51
CA VAL G 115 7.45 -5.85 23.38
C VAL G 115 7.31 -4.34 23.63
N PRO G 116 6.68 -3.94 24.75
CA PRO G 116 6.52 -2.51 24.99
C PRO G 116 7.84 -1.73 25.07
N GLU G 117 8.86 -2.31 25.68
CA GLU G 117 10.14 -1.65 25.81
C GLU G 117 11.01 -1.69 24.54
N VAL G 118 10.88 -2.77 23.77
CA VAL G 118 11.66 -2.93 22.55
C VAL G 118 11.02 -2.22 21.36
N CYS G 119 9.71 -2.34 21.23
CA CYS G 119 9.00 -1.70 20.13
C CYS G 119 8.49 -0.36 20.63
N ARG G 120 9.32 0.66 20.55
CA ARG G 120 8.95 1.98 21.03
C ARG G 120 8.11 2.81 20.04
N ILE G 121 8.41 2.71 18.75
CA ILE G 121 7.64 3.45 17.74
C ILE G 121 6.92 2.45 16.82
N PRO G 122 5.90 2.91 16.08
CA PRO G 122 5.14 2.03 15.19
C PRO G 122 5.98 1.18 14.24
N THR G 123 7.05 1.76 13.71
CA THR G 123 7.91 1.05 12.77
C THR G 123 8.48 -0.24 13.38
N HIS G 124 8.83 -0.18 14.67
CA HIS G 124 9.35 -1.36 15.37
C HIS G 124 8.30 -2.44 15.47
N LEU G 125 7.10 -2.05 15.90
CA LEU G 125 5.99 -2.99 16.06
C LEU G 125 5.62 -3.60 14.70
N PHE G 126 5.55 -2.76 13.68
CA PHE G 126 5.19 -3.22 12.33
C PHE G 126 6.21 -4.22 11.79
N THR G 127 7.50 -3.92 11.98
CA THR G 127 8.58 -4.79 11.53
C THR G 127 8.56 -6.12 12.31
N PHE G 128 8.35 -6.03 13.63
CA PHE G 128 8.30 -7.20 14.49
C PHE G 128 7.20 -8.14 14.01
N ILE G 129 6.01 -7.59 13.79
CA ILE G 129 4.88 -8.39 13.34
C ILE G 129 5.08 -9.02 11.95
N GLN G 130 5.75 -8.31 11.05
CA GLN G 130 6.01 -8.82 9.70
C GLN G 130 6.98 -10.01 9.77
N PHE G 131 7.98 -9.92 10.63
CA PHE G 131 8.93 -11.01 10.79
C PHE G 131 8.17 -12.23 11.33
N LYS G 132 7.25 -12.01 12.26
CA LYS G 132 6.48 -13.12 12.80
C LYS G 132 5.68 -13.72 11.65
N LYS G 133 5.29 -12.89 10.69
CA LYS G 133 4.55 -13.39 9.54
C LYS G 133 5.47 -14.23 8.65
N ASP G 134 6.71 -13.76 8.45
CA ASP G 134 7.68 -14.49 7.63
C ASP G 134 8.07 -15.81 8.29
N LEU G 135 8.14 -15.81 9.62
CA LEU G 135 8.49 -17.00 10.38
C LEU G 135 7.36 -18.01 10.44
N LYS G 136 6.18 -17.60 10.00
CA LYS G 136 4.99 -18.43 10.02
C LYS G 136 5.07 -19.79 9.31
N GLU G 137 5.93 -19.92 8.30
CA GLU G 137 6.06 -21.20 7.59
C GLU G 137 7.28 -21.97 8.09
N GLY G 138 8.41 -21.30 8.13
CA GLY G 138 9.64 -21.93 8.58
C GLY G 138 9.54 -22.49 9.98
N MET G 139 8.75 -21.85 10.83
CA MET G 139 8.60 -22.31 12.21
C MET G 139 7.30 -23.06 12.43
N LYS G 140 6.67 -23.48 11.34
CA LYS G 140 5.43 -24.24 11.39
C LYS G 140 4.48 -23.80 12.51
N CYS G 141 4.01 -22.56 12.46
CA CYS G 141 3.11 -22.06 13.49
C CYS G 141 2.40 -20.80 13.05
N GLY G 142 1.19 -20.59 13.58
CA GLY G 142 0.43 -19.39 13.26
C GLY G 142 0.98 -18.31 14.16
N MET G 143 0.43 -17.10 14.07
CA MET G 143 0.92 -16.02 14.90
C MET G 143 -0.13 -15.29 15.72
N TRP G 144 -1.40 -15.37 15.34
CA TRP G 144 -2.43 -14.65 16.07
C TRP G 144 -3.09 -15.34 17.27
N GLY G 145 -2.27 -15.96 18.12
CA GLY G 145 -2.79 -16.60 19.32
C GLY G 145 -3.15 -15.49 20.29
N ARG G 146 -3.72 -15.84 21.45
CA ARG G 146 -4.10 -14.84 22.44
C ARG G 146 -2.95 -13.95 22.92
N ALA G 147 -1.75 -14.50 23.01
CA ALA G 147 -0.61 -13.72 23.48
C ALA G 147 -0.27 -12.50 22.61
N LEU G 148 -0.27 -12.67 21.29
CA LEU G 148 0.03 -11.57 20.37
C LEU G 148 -1.11 -10.55 20.39
N ARG G 149 -2.35 -11.03 20.44
CA ARG G 149 -3.50 -10.13 20.46
C ARG G 149 -3.42 -9.25 21.71
N LYS G 150 -3.03 -9.85 22.81
CA LYS G 150 -2.91 -9.16 24.08
C LYS G 150 -1.74 -8.17 24.07
N ALA G 151 -0.60 -8.60 23.51
CA ALA G 151 0.58 -7.74 23.45
C ALA G 151 0.32 -6.50 22.61
N VAL G 152 -0.36 -6.69 21.48
CA VAL G 152 -0.67 -5.57 20.60
C VAL G 152 -1.70 -4.65 21.25
N SER G 153 -2.70 -5.22 21.90
CA SER G 153 -3.73 -4.42 22.56
C SER G 153 -3.11 -3.52 23.62
N ASP G 154 -2.18 -4.07 24.39
CA ASP G 154 -1.50 -3.33 25.44
C ASP G 154 -0.61 -2.22 24.87
N TRP G 155 0.02 -2.49 23.73
CA TRP G 155 0.90 -1.51 23.12
C TRP G 155 0.15 -0.19 22.94
N TYR G 156 -1.12 -0.29 22.54
CA TYR G 156 -1.96 0.88 22.34
C TYR G 156 -2.59 1.41 23.62
N ASN G 157 -3.20 0.51 24.38
CA ASN G 157 -3.89 0.88 25.61
C ASN G 157 -3.06 1.41 26.77
N THR G 158 -1.75 1.22 26.73
CA THR G 158 -0.94 1.73 27.83
C THR G 158 -0.33 3.08 27.47
N LYS G 159 -0.72 3.60 26.31
CA LYS G 159 -0.19 4.89 25.87
C LYS G 159 -1.15 6.05 26.02
N ASP G 160 -0.60 7.22 26.30
CA ASP G 160 -1.38 8.44 26.44
C ASP G 160 -2.01 8.70 25.08
N ALA G 161 -3.30 8.99 25.08
CA ALA G 161 -4.04 9.23 23.83
C ALA G 161 -3.40 10.29 22.91
N LEU G 162 -3.01 11.42 23.48
CA LEU G 162 -2.41 12.48 22.69
C LEU G 162 -1.09 12.01 22.07
N ASN G 163 -0.28 11.29 22.84
CA ASN G 163 0.99 10.77 22.32
C ASN G 163 0.73 9.73 21.22
N LEU G 164 -0.29 8.89 21.43
CA LEU G 164 -0.63 7.86 20.45
C LEU G 164 -1.06 8.54 19.15
N ALA G 165 -1.79 9.64 19.28
CA ALA G 165 -2.27 10.39 18.11
C ALA G 165 -1.09 10.88 17.29
N MET G 166 -0.01 11.30 17.97
CA MET G 166 1.19 11.73 17.27
C MET G 166 1.79 10.53 16.56
N ALA G 167 1.87 9.41 17.29
CA ALA G 167 2.45 8.19 16.71
C ALA G 167 1.70 7.66 15.51
N VAL G 168 0.37 7.62 15.54
CA VAL G 168 -0.36 7.08 14.39
C VAL G 168 -0.47 8.02 13.20
N THR G 169 -0.19 9.31 13.36
CA THR G 169 -0.27 10.21 12.21
C THR G 169 1.11 10.38 11.59
N LYS G 170 2.14 10.26 12.40
CA LYS G 170 3.51 10.37 11.91
C LYS G 170 3.87 9.08 11.17
N TYR G 171 3.48 7.94 11.73
CA TYR G 171 3.76 6.64 11.11
C TYR G 171 2.45 5.94 10.83
N LYS G 172 1.78 6.32 9.75
CA LYS G 172 0.50 5.73 9.41
C LYS G 172 0.64 4.23 9.10
N GLN G 173 1.73 3.90 8.41
CA GLN G 173 2.02 2.51 8.05
C GLN G 173 3.47 2.38 7.63
N ARG G 174 4.09 1.26 8.00
CA ARG G 174 5.48 1.00 7.65
C ARG G 174 5.65 -0.52 7.48
N ASN G 175 6.71 -0.91 6.78
CA ASN G 175 7.04 -2.31 6.54
C ASN G 175 5.87 -3.26 6.32
N GLY G 176 4.87 -2.81 5.55
CA GLY G 176 3.73 -3.66 5.24
C GLY G 176 2.48 -3.59 6.11
N TRP G 177 2.58 -3.07 7.34
CA TRP G 177 1.43 -3.00 8.22
C TRP G 177 1.00 -1.58 8.59
N SER G 178 -0.30 -1.42 8.80
CA SER G 178 -0.88 -0.13 9.19
C SER G 178 -1.48 -0.33 10.57
N HIS G 179 -1.81 0.76 11.25
CA HIS G 179 -2.41 0.65 12.57
C HIS G 179 -3.81 0.07 12.43
N LYS G 180 -4.43 0.33 11.30
CA LYS G 180 -5.76 -0.19 11.06
C LYS G 180 -5.68 -1.72 11.06
N ASP G 181 -4.69 -2.24 10.34
CA ASP G 181 -4.47 -3.69 10.26
C ASP G 181 -4.33 -4.29 11.66
N LEU G 182 -3.51 -3.68 12.50
CA LEU G 182 -3.30 -4.21 13.84
C LEU G 182 -4.53 -4.17 14.73
N LEU G 183 -5.31 -3.10 14.64
CA LEU G 183 -6.52 -3.00 15.45
C LEU G 183 -7.49 -4.10 15.00
N ARG G 184 -7.57 -4.31 13.71
CA ARG G 184 -8.46 -5.33 13.15
C ARG G 184 -8.09 -6.75 13.60
N LEU G 185 -6.79 -7.05 13.65
CA LEU G 185 -6.34 -8.37 14.03
C LEU G 185 -6.23 -8.59 15.53
N SER G 186 -6.00 -7.51 16.27
CA SER G 186 -5.88 -7.62 17.72
C SER G 186 -7.25 -7.56 18.40
N HIS G 187 -8.22 -6.95 17.75
CA HIS G 187 -9.58 -6.81 18.29
C HIS G 187 -9.54 -6.05 19.62
N ILE G 188 -8.64 -5.08 19.71
CA ILE G 188 -8.47 -4.29 20.91
C ILE G 188 -9.75 -3.62 21.39
N LYS G 189 -9.84 -3.45 22.70
CA LYS G 189 -10.96 -2.76 23.34
C LYS G 189 -10.33 -1.54 24.02
N PRO G 190 -10.55 -0.35 23.46
CA PRO G 190 -9.99 0.89 24.02
C PRO G 190 -10.19 1.03 25.53
N ALA G 191 -9.13 1.38 26.23
CA ALA G 191 -9.17 1.52 27.69
C ALA G 191 -9.73 2.84 28.22
N ASN G 192 -9.93 3.81 27.34
CA ASN G 192 -10.46 5.11 27.75
C ASN G 192 -11.01 5.88 26.57
N GLU G 193 -11.60 7.05 26.85
CA GLU G 193 -12.19 7.84 25.80
C GLU G 193 -11.21 8.34 24.75
N GLY G 194 -10.00 8.69 25.19
CA GLY G 194 -8.98 9.15 24.26
C GLY G 194 -8.58 8.05 23.30
N LEU G 195 -8.42 6.83 23.80
CA LEU G 195 -8.04 5.69 22.98
C LEU G 195 -9.16 5.31 22.01
N THR G 196 -10.41 5.39 22.48
CA THR G 196 -11.54 5.06 21.61
C THR G 196 -11.51 6.03 20.42
N MET G 197 -11.32 7.32 20.70
CA MET G 197 -11.27 8.35 19.66
C MET G 197 -10.18 7.98 18.65
N VAL G 198 -8.97 7.71 19.14
CA VAL G 198 -7.87 7.35 18.26
C VAL G 198 -8.19 6.06 17.48
N ALA G 199 -8.74 5.08 18.17
CA ALA G 199 -9.09 3.83 17.51
C ALA G 199 -10.06 4.14 16.36
N LYS G 200 -11.01 5.02 16.63
CA LYS G 200 -12.01 5.38 15.63
C LYS G 200 -11.39 6.11 14.44
N TYR G 201 -10.42 6.98 14.74
CA TYR G 201 -9.73 7.72 13.70
C TYR G 201 -8.93 6.77 12.81
N VAL G 202 -8.20 5.85 13.43
CA VAL G 202 -7.41 4.88 12.69
C VAL G 202 -8.29 3.92 11.86
N SER G 203 -9.44 3.54 12.40
CA SER G 203 -10.31 2.60 11.71
C SER G 203 -11.21 3.19 10.63
N LYS G 204 -11.78 4.36 10.86
CA LYS G 204 -12.70 4.96 9.90
C LYS G 204 -12.32 6.33 9.32
N GLY G 205 -11.34 7.00 9.89
CA GLY G 205 -10.94 8.29 9.35
C GLY G 205 -11.53 9.49 10.09
N TRP G 206 -10.96 10.66 9.82
CA TRP G 206 -11.38 11.91 10.45
C TRP G 206 -12.88 12.19 10.41
N LYS G 207 -13.46 12.14 9.21
CA LYS G 207 -14.88 12.40 9.05
C LYS G 207 -15.72 11.60 10.06
N GLU G 208 -15.42 10.31 10.17
CA GLU G 208 -16.12 9.43 11.09
C GLU G 208 -16.01 9.92 12.53
N VAL G 209 -14.79 10.25 12.94
CA VAL G 209 -14.57 10.74 14.30
C VAL G 209 -15.35 12.01 14.58
N GLN G 210 -15.36 12.90 13.59
CA GLN G 210 -16.04 14.18 13.71
C GLN G 210 -17.55 13.97 13.92
N GLU G 211 -18.16 13.13 13.09
CA GLU G 211 -19.58 12.84 13.21
C GLU G 211 -19.86 12.11 14.52
N ALA G 212 -18.96 11.21 14.90
CA ALA G 212 -19.12 10.43 16.12
C ALA G 212 -19.12 11.29 17.38
N TYR G 213 -18.32 12.35 17.40
CA TYR G 213 -18.25 13.20 18.59
C TYR G 213 -19.01 14.53 18.56
N LYS G 214 -19.84 14.75 17.56
CA LYS G 214 -20.60 16.00 17.49
C LYS G 214 -21.60 16.05 18.65
N GLU G 215 -21.79 17.25 19.20
CA GLU G 215 -22.73 17.42 20.32
C GLU G 215 -22.42 16.51 21.50
N LYS G 216 -21.23 15.93 21.49
CA LYS G 216 -20.82 15.03 22.56
C LYS G 216 -19.99 15.77 23.62
N GLU G 217 -20.12 15.33 24.86
CA GLU G 217 -19.38 15.94 25.97
C GLU G 217 -18.01 15.29 26.10
N LEU G 218 -16.96 16.10 26.09
CA LEU G 218 -15.60 15.59 26.18
C LEU G 218 -14.74 16.28 27.24
N SER G 219 -13.93 15.50 27.93
CA SER G 219 -13.04 16.04 28.96
C SER G 219 -12.04 16.96 28.27
N PRO G 220 -11.34 17.81 29.02
CA PRO G 220 -10.37 18.69 28.38
C PRO G 220 -9.23 17.95 27.70
N GLU G 221 -8.88 16.77 28.23
CA GLU G 221 -7.79 15.99 27.65
C GLU G 221 -8.20 15.44 26.30
N THR G 222 -9.41 14.90 26.22
CA THR G 222 -9.92 14.35 24.96
C THR G 222 -10.02 15.43 23.90
N GLU G 223 -10.38 16.64 24.33
CA GLU G 223 -10.50 17.77 23.42
C GLU G 223 -9.14 18.04 22.77
N LYS G 224 -8.07 17.86 23.52
CA LYS G 224 -6.74 18.07 22.99
C LYS G 224 -6.46 17.09 21.87
N VAL G 225 -6.83 15.83 22.07
CA VAL G 225 -6.63 14.80 21.06
C VAL G 225 -7.40 15.15 19.78
N LEU G 226 -8.66 15.54 19.96
CA LEU G 226 -9.51 15.92 18.83
C LEU G 226 -8.89 17.08 18.04
N LYS G 227 -8.47 18.12 18.75
CA LYS G 227 -7.86 19.28 18.09
C LYS G 227 -6.58 18.87 17.35
N TYR G 228 -5.76 18.04 17.98
CA TYR G 228 -4.53 17.59 17.35
C TYR G 228 -4.83 16.80 16.07
N LEU G 229 -5.73 15.82 16.16
CA LEU G 229 -6.08 15.04 14.98
C LEU G 229 -6.59 15.96 13.87
N GLU G 230 -7.36 16.97 14.25
CA GLU G 230 -7.89 17.93 13.28
C GLU G 230 -6.76 18.69 12.60
N ALA G 231 -5.77 19.10 13.39
CA ALA G 231 -4.62 19.82 12.85
C ALA G 231 -3.91 19.00 11.77
N THR G 232 -3.74 17.69 12.00
CA THR G 232 -3.07 16.85 11.01
C THR G 232 -3.87 16.78 9.71
N GLU G 233 -5.19 16.94 9.81
CA GLU G 233 -6.05 16.93 8.63
C GLU G 233 -6.02 18.31 7.97
N ARG G 234 -6.07 19.35 8.79
CA ARG G 234 -6.07 20.73 8.29
C ARG G 234 -4.81 21.05 7.47
N VAL G 235 -3.67 20.56 7.94
CA VAL G 235 -2.41 20.82 7.25
C VAL G 235 -2.37 20.23 5.83
N LYS G 236 -3.19 19.22 5.56
CA LYS G 236 -3.23 18.60 4.24
C LYS G 236 -4.26 19.24 3.32
N ARG G 237 -5.02 20.19 3.86
CA ARG G 237 -6.05 20.87 3.08
C ARG G 237 -5.69 22.32 2.76
N THR G 238 -4.41 22.66 2.89
CA THR G 238 -3.97 24.02 2.60
C THR G 238 -2.58 24.09 1.96
N LYS G 239 -2.39 25.09 1.10
CA LYS G 239 -1.11 25.30 0.44
C LYS G 239 -0.55 26.65 0.92
N ASP G 240 -1.26 27.26 1.87
CA ASP G 240 -0.87 28.56 2.41
C ASP G 240 0.32 28.42 3.35
N GLU G 241 1.48 28.91 2.91
CA GLU G 241 2.71 28.84 3.68
C GLU G 241 2.55 29.25 5.15
N LEU G 242 1.94 30.41 5.39
CA LEU G 242 1.76 30.89 6.77
C LEU G 242 0.85 30.03 7.63
N GLU G 243 -0.23 29.51 7.06
CA GLU G 243 -1.13 28.68 7.86
C GLU G 243 -0.39 27.41 8.29
N ILE G 244 0.39 26.84 7.37
CA ILE G 244 1.14 25.64 7.67
C ILE G 244 2.15 25.94 8.77
N ILE G 245 2.88 27.03 8.61
CA ILE G 245 3.88 27.43 9.60
C ILE G 245 3.24 27.56 10.99
N HIS G 246 2.04 28.13 11.04
CA HIS G 246 1.35 28.30 12.31
C HIS G 246 0.87 26.97 12.91
N LEU G 247 0.46 26.02 12.06
CA LEU G 247 0.02 24.72 12.55
C LEU G 247 1.22 23.95 13.11
N ILE G 248 2.36 24.09 12.44
CA ILE G 248 3.58 23.41 12.91
C ILE G 248 3.93 23.95 14.30
N ASP G 249 3.97 25.26 14.44
CA ASP G 249 4.29 25.88 15.73
C ASP G 249 3.26 25.50 16.79
N GLU G 250 1.98 25.61 16.44
CA GLU G 250 0.90 25.29 17.36
C GLU G 250 0.88 23.83 17.82
N TYR G 251 0.87 22.89 16.88
CA TYR G 251 0.79 21.48 17.24
C TYR G 251 2.06 20.65 17.12
N ARG G 252 3.18 21.32 16.87
CA ARG G 252 4.46 20.65 16.72
C ARG G 252 4.42 19.51 15.72
N LEU G 253 3.80 19.76 14.57
CA LEU G 253 3.72 18.75 13.51
C LEU G 253 5.14 18.56 12.97
N VAL G 254 5.43 17.37 12.46
CA VAL G 254 6.76 17.08 11.93
C VAL G 254 6.71 16.86 10.42
N ARG G 255 7.88 16.64 9.82
CA ARG G 255 7.98 16.43 8.37
C ARG G 255 6.98 15.40 7.84
N GLU G 256 6.77 14.33 8.59
CA GLU G 256 5.84 13.26 8.17
C GLU G 256 4.38 13.69 8.02
N HIS G 257 4.00 14.81 8.62
CA HIS G 257 2.62 15.29 8.52
C HIS G 257 2.34 16.10 7.24
N LEU G 258 3.40 16.60 6.61
CA LEU G 258 3.31 17.46 5.44
C LEU G 258 3.20 16.85 4.04
N LEU G 259 2.75 17.68 3.09
CA LEU G 259 2.62 17.24 1.69
C LEU G 259 3.91 17.57 0.96
N THR G 260 4.09 17.01 -0.22
CA THR G 260 5.28 17.26 -1.03
C THR G 260 5.44 18.74 -1.36
N ILE G 261 4.34 19.38 -1.78
CA ILE G 261 4.40 20.80 -2.11
C ILE G 261 4.95 21.63 -0.94
N HIS G 262 4.65 21.19 0.28
CA HIS G 262 5.11 21.92 1.47
C HIS G 262 6.61 21.81 1.69
N LEU G 263 7.19 20.66 1.36
CA LEU G 263 8.61 20.46 1.57
C LEU G 263 9.53 21.19 0.61
N LYS G 264 8.95 21.98 -0.29
CA LYS G 264 9.75 22.76 -1.22
C LYS G 264 9.93 24.16 -0.65
N SER G 265 9.29 24.42 0.49
CA SER G 265 9.36 25.72 1.14
C SER G 265 10.44 25.87 2.22
N LYS G 266 11.39 26.76 1.96
CA LYS G 266 12.48 27.05 2.89
C LYS G 266 11.94 27.46 4.24
N GLU G 267 10.85 28.24 4.21
CA GLU G 267 10.22 28.72 5.43
C GLU G 267 9.53 27.62 6.21
N ILE G 268 8.92 26.68 5.51
CA ILE G 268 8.28 25.56 6.19
C ILE G 268 9.40 24.78 6.90
N TRP G 269 10.53 24.60 6.23
CA TRP G 269 11.65 23.88 6.81
C TRP G 269 12.22 24.57 8.05
N LYS G 270 12.38 25.89 7.99
CA LYS G 270 12.89 26.61 9.16
C LYS G 270 11.98 26.35 10.36
N SER G 271 10.67 26.37 10.14
CA SER G 271 9.77 26.14 11.27
C SER G 271 9.81 24.65 11.67
N LEU G 272 10.10 23.79 10.70
CA LEU G 272 10.20 22.36 10.96
C LEU G 272 11.48 22.14 11.78
N LEU G 273 12.51 22.93 11.50
CA LEU G 273 13.78 22.84 12.20
C LEU G 273 13.65 23.18 13.69
N GLN G 274 12.77 24.11 14.01
CA GLN G 274 12.56 24.54 15.39
C GLN G 274 12.52 23.38 16.39
N ASP G 275 11.64 22.41 16.16
CA ASP G 275 11.53 21.29 17.06
C ASP G 275 11.74 19.93 16.40
N MET G 276 12.69 19.89 15.45
CA MET G 276 13.00 18.65 14.73
C MET G 276 13.70 17.64 15.62
N PRO G 277 13.11 16.44 15.77
CA PRO G 277 13.77 15.43 16.62
C PRO G 277 15.16 15.11 16.06
N LEU G 278 16.06 14.68 16.93
CA LEU G 278 17.45 14.39 16.55
C LEU G 278 17.75 13.51 15.34
N THR G 279 17.12 12.34 15.23
CA THR G 279 17.40 11.50 14.08
C THR G 279 17.00 12.19 12.77
N ALA G 280 15.83 12.83 12.77
CA ALA G 280 15.35 13.52 11.56
C ALA G 280 16.32 14.65 11.16
N LEU G 281 16.89 15.33 12.15
CA LEU G 281 17.84 16.41 11.91
C LEU G 281 19.11 15.85 11.26
N LEU G 282 19.61 14.76 11.82
CA LEU G 282 20.81 14.12 11.32
C LEU G 282 20.69 13.67 9.87
N ARG G 283 19.53 13.14 9.51
CA ARG G 283 19.29 12.65 8.15
C ARG G 283 18.93 13.70 7.12
N ASN G 284 18.54 14.90 7.56
CA ASN G 284 18.16 15.94 6.61
C ASN G 284 19.15 17.11 6.53
N LEU G 285 20.36 16.91 7.06
CA LEU G 285 21.38 17.95 7.02
C LEU G 285 21.67 18.34 5.57
N GLY G 286 21.74 17.35 4.70
CA GLY G 286 22.01 17.61 3.30
C GLY G 286 20.94 18.44 2.63
N LYS G 287 19.69 18.06 2.86
CA LYS G 287 18.55 18.76 2.27
C LYS G 287 18.47 20.21 2.74
N MET G 288 18.52 20.43 4.05
CA MET G 288 18.42 21.77 4.59
C MET G 288 19.61 22.64 4.19
N THR G 289 20.73 22.03 3.84
CA THR G 289 21.90 22.80 3.42
C THR G 289 21.67 23.29 2.00
N ALA G 290 21.08 22.42 1.17
CA ALA G 290 20.80 22.75 -0.21
C ALA G 290 19.75 23.85 -0.32
N ASP G 291 18.82 23.88 0.63
CA ASP G 291 17.74 24.86 0.65
C ASP G 291 18.12 26.17 1.33
N SER G 292 19.33 26.24 1.85
CA SER G 292 19.81 27.44 2.52
C SER G 292 19.18 27.71 3.88
N VAL G 293 18.51 26.72 4.46
CA VAL G 293 17.94 26.96 5.79
C VAL G 293 19.12 26.82 6.73
N LEU G 294 20.17 26.16 6.25
CA LEU G 294 21.40 26.00 7.01
C LEU G 294 22.47 26.76 6.23
N ALA G 295 22.33 28.08 6.20
CA ALA G 295 23.27 28.92 5.48
C ALA G 295 24.57 29.05 6.25
N PRO G 296 25.70 29.10 5.52
CA PRO G 296 27.00 29.23 6.18
C PRO G 296 27.04 30.35 7.21
N ALA G 297 27.66 30.08 8.35
CA ALA G 297 27.80 31.06 9.42
C ALA G 297 26.45 31.56 9.94
N SER G 298 25.36 30.97 9.47
CA SER G 298 24.03 31.38 9.90
C SER G 298 23.76 31.04 11.36
N SER G 299 22.56 31.39 11.81
CA SER G 299 22.15 31.13 13.20
C SER G 299 21.63 29.69 13.33
N GLU G 300 21.12 29.15 12.22
CA GLU G 300 20.62 27.79 12.23
C GLU G 300 21.79 26.82 12.33
N VAL G 301 22.79 27.03 11.48
CA VAL G 301 23.98 26.19 11.48
C VAL G 301 24.56 26.09 12.89
N SER G 302 24.65 27.22 13.57
CA SER G 302 25.20 27.24 14.91
C SER G 302 24.31 26.46 15.88
N SER G 303 23.00 26.63 15.73
CA SER G 303 22.05 25.94 16.59
C SER G 303 22.13 24.43 16.39
N VAL G 304 22.19 24.02 15.13
CA VAL G 304 22.27 22.62 14.79
C VAL G 304 23.50 21.96 15.40
N CYS G 305 24.65 22.63 15.29
CA CYS G 305 25.89 22.08 15.84
C CYS G 305 25.80 21.84 17.34
N GLU G 306 25.14 22.74 18.06
CA GLU G 306 24.98 22.59 19.50
C GLU G 306 24.13 21.35 19.83
N ARG G 307 23.10 21.10 19.02
CA ARG G 307 22.24 19.94 19.27
C ARG G 307 22.96 18.62 18.99
N LEU G 308 23.72 18.58 17.91
CA LEU G 308 24.45 17.38 17.53
C LEU G 308 25.58 17.01 18.49
N THR G 309 26.13 18.00 19.18
CA THR G 309 27.23 17.74 20.11
C THR G 309 26.85 17.61 21.57
N ASN G 310 25.55 17.66 21.88
CA ASN G 310 25.09 17.52 23.26
C ASN G 310 25.01 16.04 23.59
N GLU G 311 26.02 15.52 24.30
CA GLU G 311 26.04 14.10 24.65
C GLU G 311 24.78 13.61 25.33
N LYS G 312 24.25 14.39 26.27
CA LYS G 312 23.05 14.00 26.98
C LYS G 312 21.88 13.67 26.05
N LEU G 313 21.60 14.57 25.11
CA LEU G 313 20.50 14.34 24.17
C LEU G 313 20.76 13.22 23.19
N LEU G 314 22.02 13.08 22.75
CA LEU G 314 22.38 12.01 21.83
C LEU G 314 22.01 10.67 22.47
N LYS G 315 22.36 10.52 23.74
CA LYS G 315 22.08 9.28 24.47
C LYS G 315 20.57 9.11 24.63
N LYS G 316 19.93 10.17 25.09
CA LYS G 316 18.49 10.18 25.31
C LYS G 316 17.73 9.74 24.06
N ALA G 317 18.09 10.32 22.91
CA ALA G 317 17.45 9.99 21.63
C ALA G 317 17.98 8.68 21.03
N ARG G 318 18.95 8.07 21.70
CA ARG G 318 19.54 6.81 21.23
C ARG G 318 20.23 6.93 19.87
N ILE G 319 21.00 7.99 19.67
CA ILE G 319 21.72 8.18 18.42
C ILE G 319 22.95 7.28 18.45
N HIS G 320 23.06 6.42 17.43
CA HIS G 320 24.16 5.47 17.35
C HIS G 320 25.34 6.04 16.54
N PRO G 321 26.58 5.75 16.97
CA PRO G 321 27.74 6.25 16.23
C PRO G 321 27.75 5.87 14.75
N PHE G 322 27.18 4.73 14.41
CA PHE G 322 27.15 4.32 13.01
C PHE G 322 26.23 5.24 12.21
N HIS G 323 25.16 5.74 12.84
CA HIS G 323 24.26 6.67 12.16
C HIS G 323 25.04 7.95 11.92
N ILE G 324 25.82 8.35 12.92
CA ILE G 324 26.63 9.54 12.83
C ILE G 324 27.61 9.38 11.67
N LEU G 325 28.30 8.24 11.63
CA LEU G 325 29.29 7.96 10.60
C LEU G 325 28.70 7.99 9.18
N VAL G 326 27.56 7.33 9.01
CA VAL G 326 26.92 7.31 7.70
C VAL G 326 26.51 8.71 7.29
N ALA G 327 25.88 9.44 8.21
CA ALA G 327 25.44 10.79 7.93
C ALA G 327 26.64 11.66 7.54
N LEU G 328 27.71 11.57 8.33
CA LEU G 328 28.92 12.33 8.07
C LEU G 328 29.38 12.12 6.62
N GLU G 329 29.56 10.86 6.26
CA GLU G 329 30.02 10.51 4.92
C GLU G 329 29.17 11.00 3.77
N THR G 330 27.86 10.80 3.86
CA THR G 330 26.99 11.25 2.79
C THR G 330 26.93 12.77 2.75
N TYR G 331 26.88 13.40 3.92
CA TYR G 331 26.84 14.86 3.97
C TYR G 331 28.08 15.44 3.29
N LYS G 332 29.24 14.85 3.60
CA LYS G 332 30.51 15.30 3.02
C LYS G 332 30.47 15.13 1.50
N LYS G 333 29.75 14.12 1.03
CA LYS G 333 29.64 13.87 -0.41
C LYS G 333 29.19 15.14 -1.12
N GLY G 334 28.17 15.78 -0.57
CA GLY G 334 27.67 17.00 -1.18
C GLY G 334 26.61 16.75 -2.24
N HIS G 335 26.16 15.51 -2.37
CA HIS G 335 25.14 15.16 -3.35
C HIS G 335 24.27 14.00 -2.88
N GLY G 336 23.02 14.00 -3.33
CA GLY G 336 22.10 12.94 -2.95
C GLY G 336 20.79 13.03 -3.71
N LEU G 341 19.89 16.19 -5.49
CA LEU G 341 20.36 17.22 -4.58
C LEU G 341 21.86 17.43 -4.65
N ARG G 342 22.28 18.68 -4.47
CA ARG G 342 23.68 19.05 -4.48
C ARG G 342 23.82 20.14 -3.42
N TRP G 343 24.90 20.10 -2.66
CA TRP G 343 25.11 21.10 -1.62
C TRP G 343 26.57 21.22 -1.24
N ILE G 344 26.90 22.32 -0.59
CA ILE G 344 28.25 22.58 -0.13
C ILE G 344 28.24 22.16 1.33
N PRO G 345 28.95 21.07 1.66
CA PRO G 345 28.94 20.66 3.06
C PRO G 345 29.50 21.75 3.98
N ASP G 346 28.72 22.11 4.99
CA ASP G 346 29.13 23.12 5.95
C ASP G 346 30.23 22.56 6.87
N THR G 347 31.36 23.26 6.93
CA THR G 347 32.49 22.79 7.73
C THR G 347 32.23 22.74 9.24
N SER G 348 31.37 23.61 9.74
CA SER G 348 31.04 23.58 11.18
C SER G 348 30.19 22.34 11.48
N ILE G 349 29.30 21.98 10.56
CA ILE G 349 28.45 20.81 10.73
C ILE G 349 29.35 19.57 10.67
N VAL G 350 30.24 19.54 9.69
CA VAL G 350 31.16 18.41 9.53
C VAL G 350 31.98 18.19 10.79
N GLU G 351 32.38 19.28 11.45
CA GLU G 351 33.16 19.19 12.66
C GLU G 351 32.31 18.69 13.82
N ALA G 352 31.04 19.10 13.85
CA ALA G 352 30.13 18.67 14.92
C ALA G 352 29.83 17.18 14.80
N LEU G 353 29.69 16.69 13.58
CA LEU G 353 29.41 15.27 13.38
C LEU G 353 30.58 14.43 13.92
N ASP G 354 31.80 14.86 13.60
CA ASP G 354 33.00 14.17 14.06
C ASP G 354 32.95 14.09 15.59
N ASN G 355 32.63 15.23 16.21
CA ASN G 355 32.53 15.33 17.66
C ASN G 355 31.44 14.44 18.25
N ALA G 356 30.27 14.42 17.62
CA ALA G 356 29.15 13.63 18.10
C ALA G 356 29.43 12.13 18.05
N PHE G 357 30.17 11.71 17.04
CA PHE G 357 30.51 10.31 16.86
C PHE G 357 31.03 9.67 18.15
N TYR G 358 32.08 10.27 18.71
CA TYR G 358 32.68 9.75 19.93
C TYR G 358 31.72 9.86 21.11
N LYS G 359 31.00 10.98 21.17
CA LYS G 359 30.05 11.22 22.24
C LYS G 359 28.88 10.23 22.23
N SER G 360 28.54 9.70 21.05
CA SER G 360 27.42 8.75 20.97
C SER G 360 27.72 7.44 21.70
N PHE G 361 29.01 7.13 21.87
CA PHE G 361 29.40 5.90 22.56
C PHE G 361 29.24 6.05 24.07
N LYS G 362 29.17 4.90 24.76
CA LYS G 362 29.05 4.89 26.21
C LYS G 362 30.49 5.06 26.68
N LEU G 363 30.88 6.31 26.99
CA LEU G 363 32.23 6.60 27.43
C LEU G 363 32.59 6.04 28.79
N VAL G 364 33.88 5.80 28.99
CA VAL G 364 34.37 5.24 30.25
C VAL G 364 35.69 5.88 30.67
N GLU G 365 36.06 5.66 31.93
CA GLU G 365 37.30 6.19 32.48
C GLU G 365 38.46 5.33 31.95
N PRO G 366 39.52 5.96 31.44
CA PRO G 366 40.67 5.22 30.91
C PRO G 366 41.40 4.33 31.92
N THR G 367 42.10 3.32 31.41
CA THR G 367 42.84 2.38 32.23
C THR G 367 44.32 2.72 32.31
N GLY G 368 44.82 3.45 31.30
CA GLY G 368 46.22 3.83 31.29
C GLY G 368 47.18 2.73 30.87
N LYS G 369 46.66 1.63 30.35
CA LYS G 369 47.50 0.53 29.92
C LYS G 369 47.94 0.67 28.47
N ARG G 370 48.88 -0.16 28.06
CA ARG G 370 49.42 -0.13 26.70
C ARG G 370 48.62 -0.97 25.72
N PHE G 371 48.01 -0.30 24.74
CA PHE G 371 47.20 -0.96 23.73
C PHE G 371 47.82 -0.97 22.33
N LEU G 372 47.72 -2.12 21.68
CA LEU G 372 48.21 -2.28 20.32
C LEU G 372 46.93 -2.58 19.55
N LEU G 373 46.52 -1.65 18.70
CA LEU G 373 45.29 -1.79 17.93
C LEU G 373 45.64 -2.22 16.50
N ALA G 374 45.20 -3.41 16.11
CA ALA G 374 45.52 -3.91 14.78
C ALA G 374 44.32 -4.08 13.87
N ILE G 375 44.30 -3.34 12.77
CA ILE G 375 43.20 -3.41 11.81
C ILE G 375 43.49 -4.37 10.64
N ASP G 376 42.63 -5.37 10.49
CA ASP G 376 42.72 -6.35 9.41
C ASP G 376 42.31 -5.62 8.13
N VAL G 377 43.24 -5.55 7.18
CA VAL G 377 42.94 -4.89 5.89
C VAL G 377 43.08 -5.85 4.71
N SER G 378 42.90 -7.14 5.00
CA SER G 378 42.96 -8.17 3.97
C SER G 378 41.80 -7.93 2.99
N ALA G 379 41.82 -8.61 1.86
CA ALA G 379 40.79 -8.40 0.85
C ALA G 379 39.33 -8.59 1.29
N SER G 380 39.10 -9.55 2.18
CA SER G 380 37.78 -9.87 2.68
C SER G 380 37.18 -8.72 3.47
N MET G 381 38.04 -7.88 4.06
CA MET G 381 37.54 -6.76 4.85
C MET G 381 36.95 -5.65 3.99
N ASN G 382 36.88 -5.89 2.68
CA ASN G 382 36.29 -4.91 1.79
C ASN G 382 34.77 -5.12 1.79
N GLN G 383 34.31 -6.12 2.53
CA GLN G 383 32.88 -6.42 2.63
C GLN G 383 32.12 -5.26 3.27
N ARG G 384 30.99 -4.91 2.68
CA ARG G 384 30.14 -3.82 3.18
C ARG G 384 29.50 -4.18 4.52
N VAL G 385 29.25 -3.18 5.35
CA VAL G 385 28.64 -3.46 6.63
C VAL G 385 27.32 -2.72 6.78
N LEU G 386 26.32 -3.44 7.29
CA LEU G 386 25.00 -2.88 7.53
C LEU G 386 24.39 -2.23 6.28
N GLY G 387 24.67 -2.82 5.13
CA GLY G 387 24.13 -2.30 3.88
C GLY G 387 24.53 -0.86 3.59
N SER G 388 25.68 -0.46 4.11
CA SER G 388 26.16 0.90 3.89
C SER G 388 27.23 0.83 2.81
N ILE G 389 27.89 1.95 2.55
CA ILE G 389 28.94 1.97 1.53
C ILE G 389 30.29 1.79 2.21
N LEU G 390 30.29 1.71 3.53
CA LEU G 390 31.52 1.56 4.29
C LEU G 390 31.88 0.09 4.49
N ASN G 391 33.12 -0.28 4.17
CA ASN G 391 33.56 -1.66 4.35
C ASN G 391 34.00 -1.88 5.80
N ALA G 392 34.32 -3.13 6.14
CA ALA G 392 34.73 -3.48 7.50
C ALA G 392 36.01 -2.80 7.98
N SER G 393 36.95 -2.56 7.07
CA SER G 393 38.19 -1.91 7.47
C SER G 393 37.94 -0.46 7.87
N VAL G 394 37.02 0.19 7.17
CA VAL G 394 36.66 1.57 7.46
C VAL G 394 35.99 1.65 8.83
N VAL G 395 35.02 0.75 9.05
CA VAL G 395 34.29 0.70 10.30
C VAL G 395 35.22 0.41 11.46
N ALA G 396 36.14 -0.53 11.27
CA ALA G 396 37.08 -0.91 12.32
C ALA G 396 38.03 0.25 12.62
N ALA G 397 38.39 1.01 11.59
CA ALA G 397 39.26 2.16 11.77
C ALA G 397 38.56 3.17 12.67
N ALA G 398 37.25 3.31 12.48
CA ALA G 398 36.49 4.25 13.31
C ALA G 398 36.49 3.78 14.76
N MET G 399 36.36 2.47 14.99
CA MET G 399 36.40 1.93 16.34
C MET G 399 37.79 2.16 16.95
N CYS G 400 38.83 1.98 16.14
CA CYS G 400 40.20 2.19 16.63
C CYS G 400 40.40 3.63 17.07
N MET G 401 39.87 4.55 16.28
CA MET G 401 39.99 5.96 16.62
C MET G 401 39.35 6.19 17.98
N LEU G 402 38.24 5.51 18.23
CA LEU G 402 37.55 5.64 19.50
C LEU G 402 38.44 5.19 20.65
N VAL G 403 38.97 3.97 20.54
CA VAL G 403 39.84 3.44 21.57
C VAL G 403 41.11 4.28 21.73
N ALA G 404 41.73 4.63 20.60
CA ALA G 404 42.96 5.43 20.64
C ALA G 404 42.76 6.80 21.28
N ARG G 405 41.55 7.33 21.21
CA ARG G 405 41.26 8.63 21.80
C ARG G 405 40.87 8.50 23.28
N THR G 406 40.59 7.26 23.70
CA THR G 406 40.24 7.00 25.09
C THR G 406 41.51 6.65 25.87
N GLU G 407 42.35 5.83 25.25
CA GLU G 407 43.62 5.40 25.84
C GLU G 407 44.79 6.11 25.17
N LYS G 408 45.37 7.09 25.85
CA LYS G 408 46.49 7.85 25.30
C LYS G 408 47.63 6.94 24.85
N ASP G 409 47.84 5.84 25.58
CA ASP G 409 48.91 4.91 25.23
C ASP G 409 48.43 3.86 24.23
N SER G 410 48.06 4.31 23.04
CA SER G 410 47.59 3.41 22.00
C SER G 410 48.47 3.51 20.77
N HIS G 411 48.67 2.37 20.10
CA HIS G 411 49.49 2.29 18.90
C HIS G 411 48.66 1.57 17.84
N MET G 412 48.39 2.24 16.73
CA MET G 412 47.60 1.66 15.65
C MET G 412 48.49 1.05 14.57
N VAL G 413 48.08 -0.12 14.07
CA VAL G 413 48.81 -0.82 13.01
C VAL G 413 47.81 -1.52 12.11
N ALA G 414 48.23 -1.90 10.91
CA ALA G 414 47.35 -2.58 9.97
C ALA G 414 48.01 -3.86 9.47
N PHE G 415 47.22 -4.76 8.89
CA PHE G 415 47.79 -6.03 8.42
C PHE G 415 46.87 -6.83 7.53
N SER G 416 47.51 -7.61 6.67
CA SER G 416 46.84 -8.55 5.77
C SER G 416 47.65 -9.82 5.99
N ASP G 417 48.53 -10.16 5.06
CA ASP G 417 49.38 -11.34 5.25
C ASP G 417 50.78 -10.83 5.57
N GLU G 418 50.86 -9.53 5.81
CA GLU G 418 52.11 -8.87 6.18
C GLU G 418 51.71 -7.64 6.98
N MET G 419 52.59 -7.16 7.86
CA MET G 419 52.28 -5.97 8.65
C MET G 419 52.39 -4.73 7.75
N LEU G 420 51.45 -3.79 7.89
CA LEU G 420 51.47 -2.57 7.09
C LEU G 420 51.33 -1.36 7.99
N PRO G 421 51.84 -0.21 7.55
CA PRO G 421 51.72 0.98 8.40
C PRO G 421 50.25 1.44 8.37
N CYS G 422 49.78 1.98 9.49
CA CYS G 422 48.41 2.47 9.53
C CYS G 422 48.44 3.89 8.96
N PRO G 423 47.64 4.16 7.94
CA PRO G 423 47.61 5.48 7.32
C PRO G 423 46.75 6.52 8.06
N ILE G 424 46.41 6.26 9.31
CA ILE G 424 45.59 7.22 10.04
C ILE G 424 46.19 7.58 11.41
N THR G 425 45.81 8.74 11.92
CA THR G 425 46.29 9.20 13.23
C THR G 425 45.13 9.68 14.10
N VAL G 426 45.38 9.72 15.41
CA VAL G 426 44.39 10.11 16.41
C VAL G 426 43.84 11.53 16.27
N ASN G 427 44.56 12.41 15.58
CA ASN G 427 44.07 13.78 15.42
C ASN G 427 43.23 14.01 14.17
N MET G 428 43.15 13.01 13.29
CA MET G 428 42.38 13.15 12.06
C MET G 428 40.88 13.27 12.30
N LEU G 429 40.18 13.84 11.32
CA LEU G 429 38.73 13.97 11.37
C LEU G 429 38.22 12.71 10.71
N LEU G 430 37.07 12.22 11.17
CA LEU G 430 36.50 10.99 10.64
C LEU G 430 36.44 10.84 9.14
N HIS G 431 35.99 11.87 8.42
CA HIS G 431 35.89 11.73 6.98
C HIS G 431 37.26 11.50 6.37
N GLU G 432 38.29 12.01 7.02
CA GLU G 432 39.65 11.86 6.51
C GLU G 432 40.16 10.42 6.73
N VAL G 433 39.82 9.83 7.87
CA VAL G 433 40.26 8.46 8.14
C VAL G 433 39.54 7.55 7.15
N VAL G 434 38.32 7.92 6.78
CA VAL G 434 37.55 7.13 5.84
C VAL G 434 38.20 7.17 4.46
N GLU G 435 38.61 8.35 4.02
CA GLU G 435 39.24 8.47 2.71
C GLU G 435 40.59 7.72 2.66
N LYS G 436 41.35 7.81 3.74
CA LYS G 436 42.64 7.15 3.84
C LYS G 436 42.55 5.62 3.97
N MET G 437 41.34 5.09 4.11
CA MET G 437 41.18 3.66 4.31
C MET G 437 40.48 2.82 3.23
N SER G 438 39.68 3.42 2.35
CA SER G 438 38.99 2.60 1.36
C SER G 438 39.78 2.25 0.10
N ASP G 439 41.08 2.14 0.24
CA ASP G 439 41.95 1.78 -0.88
C ASP G 439 43.02 0.85 -0.33
N ILE G 440 42.88 0.52 0.95
CA ILE G 440 43.83 -0.33 1.65
C ILE G 440 43.57 -1.84 1.56
N THR G 441 42.30 -2.26 1.48
CA THR G 441 41.98 -3.70 1.44
C THR G 441 42.72 -4.44 0.33
N MET G 442 43.40 -5.52 0.70
CA MET G 442 44.20 -6.26 -0.26
C MET G 442 44.85 -7.48 0.42
N GLY G 443 45.12 -8.52 -0.36
CA GLY G 443 45.80 -9.71 0.15
C GLY G 443 45.13 -10.70 1.09
N SER G 444 45.96 -11.63 1.58
CA SER G 444 45.46 -12.73 2.41
C SER G 444 45.38 -12.30 3.86
N THR G 445 44.85 -13.22 4.68
CA THR G 445 44.66 -12.97 6.12
C THR G 445 45.50 -13.87 7.05
N ASP G 446 46.37 -13.17 7.82
CA ASP G 446 47.24 -13.78 8.85
C ASP G 446 47.05 -13.06 10.20
N CYS G 447 46.02 -13.46 10.90
CA CYS G 447 45.66 -12.86 12.18
C CYS G 447 46.67 -13.01 13.32
N ALA G 448 47.74 -13.75 13.11
CA ALA G 448 48.74 -13.93 14.17
C ALA G 448 49.80 -12.82 14.15
N LEU G 449 49.90 -12.15 13.00
CA LEU G 449 50.88 -11.09 12.80
C LEU G 449 51.06 -10.07 13.91
N PRO G 450 49.99 -9.42 14.36
CA PRO G 450 50.12 -8.42 15.43
C PRO G 450 50.93 -8.90 16.63
N MET G 451 50.63 -10.08 17.13
CA MET G 451 51.34 -10.60 18.28
C MET G 451 52.78 -10.99 17.90
N LEU G 452 52.97 -11.56 16.72
CA LEU G 452 54.30 -11.95 16.27
C LEU G 452 55.18 -10.72 16.05
N TRP G 453 54.59 -9.70 15.42
CA TRP G 453 55.29 -8.46 15.12
C TRP G 453 55.74 -7.76 16.41
N ALA G 454 54.84 -7.70 17.39
CA ALA G 454 55.14 -7.06 18.67
C ALA G 454 56.31 -7.75 19.39
N GLN G 455 56.38 -9.08 19.28
CA GLN G 455 57.43 -9.85 19.92
C GLN G 455 58.76 -9.54 19.21
N LYS G 456 58.78 -9.78 17.91
CA LYS G 456 59.94 -9.55 17.07
C LYS G 456 60.57 -8.17 17.32
N THR G 457 59.72 -7.15 17.41
CA THR G 457 60.20 -5.78 17.59
C THR G 457 60.30 -5.33 19.03
N ASN G 458 60.01 -6.23 19.97
CA ASN G 458 60.08 -5.89 21.39
C ASN G 458 59.14 -4.76 21.78
N THR G 459 57.96 -4.72 21.17
CA THR G 459 56.99 -3.69 21.51
C THR G 459 56.13 -4.17 22.68
N ALA G 460 56.17 -3.44 23.78
CA ALA G 460 55.43 -3.80 24.97
C ALA G 460 53.97 -3.38 24.88
N ALA G 461 53.07 -4.35 25.03
CA ALA G 461 51.63 -4.09 24.96
C ALA G 461 50.89 -4.95 25.95
N ASP G 462 50.03 -4.32 26.75
CA ASP G 462 49.24 -5.04 27.74
C ASP G 462 48.01 -5.63 27.06
N ILE G 463 47.43 -4.86 26.14
CA ILE G 463 46.23 -5.30 25.45
C ILE G 463 46.36 -5.28 23.92
N PHE G 464 45.96 -6.37 23.31
CA PHE G 464 45.96 -6.50 21.85
C PHE G 464 44.49 -6.47 21.42
N ILE G 465 44.11 -5.51 20.60
CA ILE G 465 42.73 -5.49 20.12
C ILE G 465 42.84 -5.65 18.62
N VAL G 466 42.31 -6.78 18.13
CA VAL G 466 42.36 -7.08 16.70
C VAL G 466 40.99 -7.01 16.06
N PHE G 467 40.85 -6.12 15.09
CA PHE G 467 39.58 -5.97 14.38
C PHE G 467 39.66 -6.84 13.14
N THR G 468 38.84 -7.88 13.10
CA THR G 468 38.85 -8.82 11.99
C THR G 468 37.56 -9.61 11.86
N ASP G 469 37.47 -10.42 10.81
CA ASP G 469 36.31 -11.26 10.59
C ASP G 469 36.68 -12.70 10.98
N CYS G 470 37.89 -12.83 11.54
CA CYS G 470 38.45 -14.11 11.97
C CYS G 470 38.61 -15.16 10.88
N GLU G 471 38.60 -14.73 9.62
CA GLU G 471 38.79 -15.66 8.52
C GLU G 471 40.28 -15.73 8.18
N THR G 472 41.10 -16.04 9.20
CA THR G 472 42.54 -16.15 9.01
C THR G 472 42.78 -17.33 8.04
N ASN G 473 43.77 -17.20 7.16
CA ASN G 473 44.02 -18.27 6.18
C ASN G 473 45.46 -18.40 5.67
N VAL G 474 46.45 -18.25 6.53
CA VAL G 474 47.84 -18.38 6.11
C VAL G 474 48.49 -19.49 6.92
N GLU G 475 49.47 -20.15 6.31
CA GLU G 475 50.18 -21.24 6.98
C GLU G 475 51.16 -20.72 8.03
N ASP G 476 50.65 -19.90 8.94
CA ASP G 476 51.47 -19.34 10.01
C ASP G 476 50.91 -19.95 11.29
N VAL G 477 51.58 -19.71 12.43
CA VAL G 477 51.09 -20.26 13.68
C VAL G 477 49.73 -19.65 14.02
N HIS G 478 48.95 -20.34 14.86
CA HIS G 478 47.64 -19.84 15.27
C HIS G 478 47.82 -18.57 16.08
N PRO G 479 46.91 -17.60 15.90
CA PRO G 479 47.04 -16.36 16.68
C PRO G 479 47.07 -16.63 18.18
N ALA G 480 46.31 -17.64 18.61
CA ALA G 480 46.28 -17.99 20.02
C ALA G 480 47.69 -18.37 20.46
N THR G 481 48.38 -19.14 19.61
CA THR G 481 49.74 -19.56 19.88
C THR G 481 50.68 -18.35 19.91
N ALA G 482 50.52 -17.44 18.94
CA ALA G 482 51.36 -16.26 18.89
C ALA G 482 51.20 -15.46 20.19
N LEU G 483 49.98 -15.42 20.72
CA LEU G 483 49.74 -14.69 21.96
C LEU G 483 50.50 -15.35 23.11
N LYS G 484 50.48 -16.68 23.16
CA LYS G 484 51.18 -17.42 24.20
C LYS G 484 52.68 -17.13 24.14
N GLN G 485 53.22 -17.12 22.93
CA GLN G 485 54.64 -16.86 22.72
C GLN G 485 55.00 -15.45 23.18
N TYR G 486 54.11 -14.50 22.90
CA TYR G 486 54.35 -13.12 23.31
C TYR G 486 54.45 -13.03 24.83
N ARG G 487 53.50 -13.65 25.52
CA ARG G 487 53.48 -13.63 26.98
C ARG G 487 54.80 -14.12 27.57
N GLU G 488 55.26 -15.27 27.09
CA GLU G 488 56.49 -15.90 27.57
C GLU G 488 57.78 -15.14 27.23
N LYS G 489 57.92 -14.75 25.98
CA LYS G 489 59.13 -14.05 25.54
C LYS G 489 59.25 -12.63 26.06
N MET G 490 58.12 -11.95 26.31
CA MET G 490 58.15 -10.57 26.80
C MET G 490 57.90 -10.44 28.29
N GLY G 491 57.44 -11.51 28.91
CA GLY G 491 57.15 -11.46 30.33
C GLY G 491 56.04 -10.46 30.61
N ILE G 492 54.98 -10.53 29.82
CA ILE G 492 53.83 -9.65 29.98
C ILE G 492 52.53 -10.44 29.86
N PRO G 493 51.63 -10.28 30.84
CA PRO G 493 50.33 -10.96 30.87
C PRO G 493 49.39 -10.36 29.82
N ALA G 494 49.86 -10.25 28.59
CA ALA G 494 49.07 -9.65 27.51
C ALA G 494 47.73 -10.35 27.29
N LYS G 495 46.73 -9.55 26.96
CA LYS G 495 45.40 -10.06 26.70
C LYS G 495 45.03 -9.74 25.26
N LEU G 496 44.22 -10.59 24.65
CA LEU G 496 43.79 -10.37 23.28
C LEU G 496 42.27 -10.18 23.22
N ILE G 497 41.84 -9.06 22.66
CA ILE G 497 40.43 -8.78 22.51
C ILE G 497 40.15 -8.84 21.01
N VAL G 498 39.30 -9.79 20.62
CA VAL G 498 38.94 -9.95 19.22
C VAL G 498 37.67 -9.19 18.93
N CYS G 499 37.80 -8.09 18.18
CA CYS G 499 36.65 -7.28 17.84
C CYS G 499 36.08 -7.76 16.48
N ALA G 500 35.02 -8.56 16.54
CA ALA G 500 34.40 -9.09 15.33
C ALA G 500 33.77 -7.99 14.47
N MET G 501 33.88 -8.14 13.15
CA MET G 501 33.32 -7.14 12.26
C MET G 501 32.19 -7.68 11.38
N THR G 502 31.75 -8.92 11.66
CA THR G 502 30.65 -9.53 10.93
C THR G 502 29.88 -10.46 11.86
N SER G 503 28.80 -11.07 11.36
CA SER G 503 28.03 -11.99 12.19
C SER G 503 28.25 -13.45 11.81
N ASN G 504 29.47 -13.79 11.37
CA ASN G 504 29.77 -15.19 11.06
C ASN G 504 30.01 -15.82 12.43
N GLY G 505 30.18 -17.14 12.51
CA GLY G 505 30.39 -17.76 13.81
C GLY G 505 31.81 -18.16 14.16
N PHE G 506 32.78 -17.43 13.62
CA PHE G 506 34.18 -17.76 13.87
C PHE G 506 34.94 -16.81 14.80
N SER G 507 35.88 -17.37 15.55
CA SER G 507 36.69 -16.60 16.46
C SER G 507 38.09 -17.17 16.64
N ILE G 508 39.08 -16.28 16.68
CA ILE G 508 40.46 -16.70 16.88
C ILE G 508 40.82 -16.66 18.37
N ALA G 509 39.84 -16.37 19.21
CA ALA G 509 40.06 -16.33 20.65
C ALA G 509 39.88 -17.73 21.23
N ASP G 510 40.78 -18.13 22.11
CA ASP G 510 40.70 -19.46 22.73
C ASP G 510 39.73 -19.45 23.91
N PRO G 511 38.61 -20.18 23.80
CA PRO G 511 37.61 -20.25 24.86
C PRO G 511 38.21 -20.60 26.22
N ASP G 512 39.24 -21.45 26.22
CA ASP G 512 39.88 -21.87 27.44
C ASP G 512 40.93 -20.91 27.99
N ASP G 513 41.08 -19.74 27.36
CA ASP G 513 42.06 -18.76 27.82
C ASP G 513 41.38 -17.49 28.33
N ARG G 514 41.31 -17.36 29.66
CA ARG G 514 40.71 -16.20 30.31
C ARG G 514 41.35 -14.88 29.91
N GLY G 515 42.43 -14.96 29.13
CA GLY G 515 43.13 -13.76 28.70
C GLY G 515 42.77 -13.34 27.29
N MET G 516 41.79 -14.02 26.69
CA MET G 516 41.33 -13.72 25.34
C MET G 516 39.83 -13.47 25.40
N LEU G 517 39.40 -12.36 24.79
CA LEU G 517 37.98 -11.99 24.81
C LEU G 517 37.38 -11.72 23.44
N ASP G 518 36.14 -12.19 23.26
CA ASP G 518 35.37 -12.00 22.02
C ASP G 518 34.33 -10.88 22.23
N ILE G 519 34.33 -9.90 21.34
CA ILE G 519 33.35 -8.80 21.39
C ILE G 519 33.12 -8.40 19.94
N CYS G 520 32.20 -7.48 19.66
CA CYS G 520 32.01 -7.10 18.27
C CYS G 520 32.05 -5.62 18.02
N GLY G 521 32.44 -5.26 16.80
CA GLY G 521 32.53 -3.87 16.42
C GLY G 521 31.19 -3.15 16.48
N PHE G 522 31.27 -1.84 16.69
CA PHE G 522 30.12 -0.98 16.77
C PHE G 522 28.96 -1.38 17.66
N ASP G 523 29.33 -1.74 18.88
CA ASP G 523 28.40 -2.05 19.95
C ASP G 523 28.71 -0.77 20.74
N SER G 524 27.78 0.17 20.75
CA SER G 524 28.02 1.45 21.42
C SER G 524 28.40 1.31 22.88
N GLY G 525 28.26 0.10 23.43
CA GLY G 525 28.62 -0.11 24.81
C GLY G 525 29.83 -1.02 24.97
N ALA G 526 30.59 -1.20 23.88
CA ALA G 526 31.76 -2.07 23.91
C ALA G 526 32.92 -1.53 24.75
N LEU G 527 33.03 -0.21 24.86
CA LEU G 527 34.12 0.40 25.62
C LEU G 527 34.06 0.00 27.09
N ASP G 528 32.87 -0.38 27.55
CA ASP G 528 32.65 -0.79 28.93
C ASP G 528 33.18 -2.20 29.17
N VAL G 529 32.89 -3.11 28.24
CA VAL G 529 33.31 -4.48 28.37
C VAL G 529 34.83 -4.58 28.25
N ILE G 530 35.40 -3.72 27.42
CA ILE G 530 36.84 -3.70 27.22
C ILE G 530 37.55 -3.22 28.49
N ARG G 531 37.00 -2.20 29.13
CA ARG G 531 37.59 -1.66 30.35
C ARG G 531 37.58 -2.69 31.48
N ASN G 532 36.44 -3.36 31.66
CA ASN G 532 36.31 -4.37 32.71
C ASN G 532 37.28 -5.52 32.49
N PHE G 533 37.32 -6.05 31.27
CA PHE G 533 38.22 -7.16 30.93
C PHE G 533 39.67 -6.76 31.16
N THR G 534 40.02 -5.56 30.71
CA THR G 534 41.37 -5.03 30.86
C THR G 534 41.81 -4.95 32.32
N LEU G 535 40.91 -4.49 33.19
CA LEU G 535 41.20 -4.35 34.61
C LEU G 535 40.86 -5.57 35.45
N ASP G 536 40.67 -6.71 34.80
CA ASP G 536 40.35 -7.94 35.50
C ASP G 536 39.09 -7.83 36.36
N LEU G 537 38.27 -6.81 36.11
CA LEU G 537 37.04 -6.63 36.87
C LEU G 537 35.99 -7.63 36.41
N THR H 4 14.37 22.84 -13.82
CA THR H 4 14.01 22.47 -12.41
C THR H 4 12.48 22.42 -12.21
N MET H 5 11.77 22.06 -13.28
CA MET H 5 10.31 21.97 -13.28
C MET H 5 9.82 20.59 -12.83
N ASP H 6 8.92 20.56 -11.84
CA ASP H 6 8.37 19.30 -11.38
C ASP H 6 6.88 19.41 -11.10
N GLN H 7 6.27 18.28 -10.75
CA GLN H 7 4.84 18.22 -10.48
C GLN H 7 4.30 19.19 -9.43
N THR H 8 5.17 19.80 -8.63
CA THR H 8 4.71 20.74 -7.62
C THR H 8 4.51 22.13 -8.23
N GLN H 9 4.88 22.29 -9.49
CA GLN H 9 4.75 23.57 -10.19
C GLN H 9 3.91 23.43 -11.45
N PRO H 10 3.07 24.43 -11.73
CA PRO H 10 2.22 24.38 -12.93
C PRO H 10 3.06 24.35 -14.20
N LEU H 11 2.74 23.41 -15.09
CA LEU H 11 3.48 23.28 -16.33
C LEU H 11 3.12 24.47 -17.21
N ASN H 12 1.92 25.01 -16.99
CA ASN H 12 1.45 26.17 -17.73
C ASN H 12 0.16 26.72 -17.13
N GLU H 13 -0.34 27.78 -17.76
CA GLU H 13 -1.54 28.46 -17.32
C GLU H 13 -2.82 27.62 -17.26
N LYS H 14 -2.86 26.53 -18.01
CA LYS H 14 -4.05 25.67 -18.03
C LYS H 14 -4.12 24.68 -16.88
N GLN H 15 -2.99 24.40 -16.24
CA GLN H 15 -2.97 23.45 -15.14
C GLN H 15 -3.55 23.95 -13.83
N VAL H 16 -4.01 22.99 -13.02
CA VAL H 16 -4.61 23.26 -11.72
C VAL H 16 -4.03 22.27 -10.70
N PRO H 17 -4.19 22.57 -9.40
CA PRO H 17 -3.66 21.66 -8.39
C PRO H 17 -4.63 20.50 -8.11
N ASN H 18 -4.10 19.30 -7.90
CA ASN H 18 -4.97 18.16 -7.60
C ASN H 18 -5.16 18.02 -6.10
N SER H 19 -5.62 16.86 -5.64
CA SER H 19 -5.87 16.66 -4.22
C SER H 19 -4.70 16.85 -3.25
N GLU H 20 -3.47 16.67 -3.72
CA GLU H 20 -2.33 16.88 -2.84
C GLU H 20 -1.59 18.18 -3.20
N GLY H 21 -2.15 18.95 -4.13
CA GLY H 21 -1.52 20.21 -4.50
C GLY H 21 -0.60 20.22 -5.70
N CYS H 22 -0.34 19.07 -6.32
CA CYS H 22 0.53 19.05 -7.48
C CYS H 22 -0.27 19.34 -8.74
N TYR H 23 0.40 19.82 -9.77
CA TYR H 23 -0.28 20.20 -11.00
C TYR H 23 -0.54 19.21 -12.12
N VAL H 24 -1.77 19.25 -12.60
CA VAL H 24 -2.28 18.41 -13.68
C VAL H 24 -3.25 19.29 -14.48
N TRP H 25 -3.93 18.71 -15.45
CA TRP H 25 -4.90 19.48 -16.22
C TRP H 25 -6.28 19.10 -15.76
N GLN H 26 -7.26 19.94 -16.04
CA GLN H 26 -8.63 19.60 -15.70
C GLN H 26 -9.17 18.86 -16.92
N VAL H 27 -9.70 17.67 -16.69
CA VAL H 27 -10.25 16.87 -17.77
C VAL H 27 -11.39 17.65 -18.42
N SER H 28 -11.60 17.45 -19.71
CA SER H 28 -12.69 18.16 -20.39
C SER H 28 -14.00 17.76 -19.72
N ASP H 29 -14.96 18.67 -19.71
CA ASP H 29 -16.25 18.40 -19.09
C ASP H 29 -17.01 17.22 -19.71
N MET H 30 -16.88 17.03 -21.02
CA MET H 30 -17.53 15.91 -21.68
C MET H 30 -16.83 14.62 -21.27
N ASN H 31 -15.52 14.68 -21.09
CA ASN H 31 -14.80 13.48 -20.67
C ASN H 31 -15.11 13.18 -19.21
N ARG H 32 -15.35 14.20 -18.40
CA ARG H 32 -15.70 13.93 -17.01
C ARG H 32 -17.11 13.33 -16.95
N LEU H 33 -18.00 13.80 -17.82
CA LEU H 33 -19.34 13.24 -17.87
C LEU H 33 -19.22 11.74 -18.11
N ARG H 34 -18.30 11.35 -18.99
CA ARG H 34 -18.09 9.94 -19.27
C ARG H 34 -17.54 9.21 -18.04
N ARG H 35 -16.63 9.85 -17.31
CA ARG H 35 -16.08 9.22 -16.11
C ARG H 35 -17.22 9.01 -15.11
N PHE H 36 -18.10 10.00 -15.02
CA PHE H 36 -19.22 9.95 -14.09
C PHE H 36 -20.23 8.88 -14.48
N LEU H 37 -20.46 8.71 -15.78
CA LEU H 37 -21.39 7.68 -16.23
C LEU H 37 -20.85 6.28 -15.87
N CYS H 38 -19.55 6.09 -16.06
CA CYS H 38 -18.90 4.80 -15.77
C CYS H 38 -18.62 4.50 -14.30
N PHE H 39 -18.22 5.50 -13.52
CA PHE H 39 -17.90 5.27 -12.11
C PHE H 39 -18.86 5.85 -11.09
N GLY H 40 -19.70 6.79 -11.50
CA GLY H 40 -20.61 7.41 -10.55
C GLY H 40 -19.81 8.20 -9.53
N SER H 41 -20.43 8.60 -8.44
CA SER H 41 -19.71 9.35 -7.41
C SER H 41 -19.87 8.69 -6.04
N GLU H 42 -20.72 7.66 -5.96
CA GLU H 42 -20.95 6.97 -4.70
C GLU H 42 -19.63 6.43 -4.15
N GLY H 43 -19.44 6.57 -2.85
CA GLY H 43 -18.22 6.12 -2.22
C GLY H 43 -17.16 7.20 -2.32
N GLY H 44 -17.35 8.13 -3.23
CA GLY H 44 -16.38 9.20 -3.38
C GLY H 44 -15.07 8.69 -3.93
N THR H 45 -13.99 9.30 -3.49
CA THR H 45 -12.65 8.96 -3.94
C THR H 45 -11.75 8.89 -2.72
N TYR H 46 -10.52 8.46 -2.89
CA TYR H 46 -9.56 8.38 -1.80
C TYR H 46 -9.40 9.75 -1.14
N TYR H 47 -9.45 10.80 -1.94
CA TYR H 47 -9.28 12.17 -1.46
C TYR H 47 -10.57 12.99 -1.37
N ILE H 48 -11.55 12.64 -2.20
CA ILE H 48 -12.78 13.40 -2.25
C ILE H 48 -14.00 12.71 -1.66
N GLU H 49 -14.65 13.39 -0.72
CA GLU H 49 -15.84 12.87 -0.07
C GLU H 49 -16.96 12.67 -1.09
N GLU H 50 -17.81 11.69 -0.82
CA GLU H 50 -18.93 11.33 -1.67
C GLU H 50 -19.81 12.52 -2.08
N LYS H 51 -20.28 13.27 -1.08
CA LYS H 51 -21.12 14.44 -1.32
C LYS H 51 -20.43 15.37 -2.32
N LYS H 52 -19.21 15.77 -1.98
CA LYS H 52 -18.42 16.68 -2.81
C LYS H 52 -18.20 16.14 -4.23
N LEU H 53 -17.81 14.87 -4.34
CA LEU H 53 -17.57 14.28 -5.67
C LEU H 53 -18.81 14.45 -6.54
N GLY H 54 -19.98 14.28 -5.93
CA GLY H 54 -21.23 14.42 -6.66
C GLY H 54 -21.48 15.85 -7.11
N GLN H 55 -21.21 16.81 -6.23
CA GLN H 55 -21.40 18.22 -6.55
C GLN H 55 -20.52 18.59 -7.74
N GLU H 56 -19.25 18.14 -7.70
CA GLU H 56 -18.30 18.41 -8.77
C GLU H 56 -18.81 17.92 -10.13
N ASN H 57 -19.29 16.67 -10.18
CA ASN H 57 -19.78 16.16 -11.45
C ASN H 57 -21.05 16.89 -11.86
N ALA H 58 -21.89 17.19 -10.87
CA ALA H 58 -23.14 17.91 -11.13
C ALA H 58 -22.83 19.28 -11.75
N GLU H 59 -21.83 19.97 -11.19
CA GLU H 59 -21.44 21.28 -11.71
C GLU H 59 -20.88 21.24 -13.12
N ALA H 60 -20.07 20.22 -13.41
CA ALA H 60 -19.47 20.08 -14.74
C ALA H 60 -20.62 19.86 -15.71
N LEU H 61 -21.64 19.16 -15.23
CA LEU H 61 -22.82 18.87 -16.04
C LEU H 61 -23.55 20.18 -16.35
N LEU H 62 -23.77 21.00 -15.33
CA LEU H 62 -24.45 22.27 -15.50
C LEU H 62 -23.69 23.22 -16.44
N ARG H 63 -22.37 23.16 -16.40
CA ARG H 63 -21.56 24.01 -17.28
C ARG H 63 -21.75 23.63 -18.74
N LEU H 64 -21.81 22.33 -19.00
CA LEU H 64 -21.99 21.83 -20.36
C LEU H 64 -23.32 22.35 -20.91
N ILE H 65 -24.34 22.36 -20.07
CA ILE H 65 -25.65 22.84 -20.47
C ILE H 65 -25.57 24.35 -20.66
N GLU H 66 -24.92 25.00 -19.69
CA GLU H 66 -24.73 26.44 -19.73
C GLU H 66 -23.98 26.84 -21.01
N ASP H 67 -23.10 25.96 -21.47
CA ASP H 67 -22.30 26.23 -22.67
C ASP H 67 -22.93 25.76 -23.99
N GLY H 68 -24.23 25.47 -23.98
CA GLY H 68 -24.91 25.05 -25.19
C GLY H 68 -24.60 23.65 -25.72
N LYS H 69 -24.13 22.76 -24.85
CA LYS H 69 -23.80 21.41 -25.26
C LYS H 69 -24.78 20.42 -24.63
N GLY H 70 -25.90 20.95 -24.13
CA GLY H 70 -26.90 20.12 -23.51
C GLY H 70 -27.40 18.97 -24.37
N CYS H 71 -27.66 19.23 -25.65
CA CYS H 71 -28.15 18.18 -26.55
C CYS H 71 -27.09 17.12 -26.80
N GLU H 72 -25.82 17.54 -26.83
CA GLU H 72 -24.72 16.61 -27.04
C GLU H 72 -24.62 15.71 -25.81
N VAL H 73 -24.88 16.29 -24.64
CA VAL H 73 -24.85 15.54 -23.38
C VAL H 73 -25.93 14.47 -23.43
N VAL H 74 -27.14 14.87 -23.81
CA VAL H 74 -28.24 13.92 -23.88
C VAL H 74 -27.93 12.79 -24.83
N GLN H 75 -27.39 13.12 -25.99
CA GLN H 75 -27.04 12.09 -26.97
C GLN H 75 -25.97 11.15 -26.44
N GLU H 76 -25.09 11.67 -25.58
CA GLU H 76 -24.01 10.87 -25.00
C GLU H 76 -24.60 9.86 -24.03
N ILE H 77 -25.48 10.35 -23.16
CA ILE H 77 -26.15 9.52 -22.18
C ILE H 77 -26.97 8.43 -22.86
N LYS H 78 -27.68 8.80 -23.92
CA LYS H 78 -28.51 7.87 -24.66
C LYS H 78 -27.66 6.76 -25.26
N THR H 79 -26.49 7.13 -25.77
CA THR H 79 -25.58 6.16 -26.37
C THR H 79 -25.05 5.18 -25.32
N PHE H 80 -24.55 5.71 -24.22
CA PHE H 80 -24.02 4.86 -23.16
C PHE H 80 -25.10 3.91 -22.65
N SER H 81 -26.31 4.42 -22.48
CA SER H 81 -27.40 3.61 -21.99
C SER H 81 -27.80 2.48 -22.95
N GLN H 82 -28.14 2.80 -24.18
CA GLN H 82 -28.55 1.80 -25.15
C GLN H 82 -27.51 0.70 -25.41
N GLU H 83 -26.24 1.09 -25.39
CA GLU H 83 -25.18 0.13 -25.64
C GLU H 83 -24.67 -0.51 -24.36
N GLY H 84 -25.28 -0.16 -23.24
CA GLY H 84 -24.88 -0.71 -21.95
C GLY H 84 -23.40 -0.58 -21.68
N ARG H 85 -22.83 0.58 -21.98
CA ARG H 85 -21.41 0.79 -21.78
C ARG H 85 -21.01 1.09 -20.34
N ALA H 86 -22.01 1.39 -19.51
CA ALA H 86 -21.75 1.71 -18.11
C ALA H 86 -22.29 0.63 -17.17
N ALA H 87 -21.55 0.37 -16.09
CA ALA H 87 -21.93 -0.64 -15.10
C ALA H 87 -23.26 -0.36 -14.41
N LYS H 88 -23.43 0.86 -13.93
CA LYS H 88 -24.68 1.22 -13.24
C LYS H 88 -25.49 2.24 -14.02
N GLN H 89 -26.77 2.33 -13.70
CA GLN H 89 -27.67 3.25 -14.36
C GLN H 89 -27.84 4.58 -13.63
N GLU H 90 -27.63 4.59 -12.31
CA GLU H 90 -27.81 5.82 -11.55
C GLU H 90 -27.14 7.09 -12.10
N PRO H 91 -25.82 7.05 -12.37
CA PRO H 91 -25.15 8.24 -12.91
C PRO H 91 -25.90 8.70 -14.17
N THR H 92 -26.19 7.74 -15.03
CA THR H 92 -26.91 8.00 -16.27
C THR H 92 -28.28 8.63 -16.01
N LEU H 93 -29.06 8.03 -15.13
CA LEU H 93 -30.39 8.53 -14.83
C LEU H 93 -30.36 9.90 -14.11
N PHE H 94 -29.30 10.16 -13.36
CA PHE H 94 -29.18 11.45 -12.66
C PHE H 94 -28.92 12.55 -13.69
N ALA H 95 -28.00 12.28 -14.62
CA ALA H 95 -27.65 13.24 -15.66
C ALA H 95 -28.83 13.55 -16.58
N LEU H 96 -29.65 12.54 -16.86
CA LEU H 96 -30.82 12.74 -17.70
C LEU H 96 -31.80 13.59 -16.91
N ALA H 97 -31.89 13.34 -15.60
CA ALA H 97 -32.80 14.11 -14.75
C ALA H 97 -32.42 15.58 -14.84
N VAL H 98 -31.14 15.88 -14.60
CA VAL H 98 -30.65 17.25 -14.65
C VAL H 98 -31.04 17.91 -15.98
N CYS H 99 -30.69 17.26 -17.08
CA CYS H 99 -31.02 17.78 -18.39
C CYS H 99 -32.53 17.98 -18.59
N SER H 100 -33.34 17.17 -17.92
CA SER H 100 -34.79 17.25 -18.08
C SER H 100 -35.51 18.41 -17.42
N GLN H 101 -34.85 19.14 -16.52
CA GLN H 101 -35.49 20.28 -15.88
C GLN H 101 -34.59 21.48 -15.68
N CYS H 102 -35.16 22.68 -15.81
CA CYS H 102 -34.42 23.94 -15.67
C CYS H 102 -33.51 24.24 -16.85
N SER H 103 -33.10 23.22 -17.57
CA SER H 103 -32.21 23.40 -18.71
C SER H 103 -32.90 24.12 -19.86
N ASP H 104 -32.12 24.58 -20.84
CA ASP H 104 -32.70 25.28 -21.97
C ASP H 104 -33.69 24.35 -22.66
N ILE H 105 -34.75 24.92 -23.21
CA ILE H 105 -35.80 24.15 -23.87
C ILE H 105 -35.30 23.05 -24.81
N LYS H 106 -34.29 23.37 -25.61
CA LYS H 106 -33.73 22.40 -26.55
C LYS H 106 -33.23 21.14 -25.81
N THR H 107 -32.51 21.35 -24.71
CA THR H 107 -31.97 20.24 -23.94
C THR H 107 -33.05 19.42 -23.26
N LYS H 108 -34.02 20.09 -22.65
CA LYS H 108 -35.10 19.38 -21.99
C LYS H 108 -35.87 18.50 -22.96
N GLN H 109 -36.19 19.04 -24.12
CA GLN H 109 -36.94 18.29 -25.12
C GLN H 109 -36.16 17.06 -25.60
N ALA H 110 -34.84 17.20 -25.70
CA ALA H 110 -34.00 16.07 -26.12
C ALA H 110 -34.01 15.03 -25.00
N ALA H 111 -33.92 15.52 -23.77
CA ALA H 111 -33.91 14.66 -22.60
C ALA H 111 -35.16 13.81 -22.52
N PHE H 112 -36.32 14.44 -22.70
CA PHE H 112 -37.57 13.69 -22.65
C PHE H 112 -37.73 12.74 -23.83
N ARG H 113 -37.17 13.09 -24.98
CA ARG H 113 -37.25 12.21 -26.15
C ARG H 113 -36.34 11.00 -25.94
N ALA H 114 -35.46 11.09 -24.95
CA ALA H 114 -34.53 10.02 -24.65
C ALA H 114 -35.06 9.06 -23.58
N VAL H 115 -36.06 9.50 -22.83
CA VAL H 115 -36.62 8.69 -21.76
C VAL H 115 -37.02 7.27 -22.17
N PRO H 116 -37.78 7.11 -23.26
CA PRO H 116 -38.18 5.75 -23.67
C PRO H 116 -37.01 4.83 -24.01
N GLU H 117 -35.89 5.41 -24.43
CA GLU H 117 -34.72 4.61 -24.76
C GLU H 117 -33.85 4.38 -23.53
N VAL H 118 -33.82 5.35 -22.62
CA VAL H 118 -33.00 5.27 -21.42
C VAL H 118 -33.66 4.51 -20.27
N CYS H 119 -34.93 4.80 -20.03
CA CYS H 119 -35.64 4.13 -18.94
C CYS H 119 -36.36 2.94 -19.54
N ARG H 120 -35.68 1.80 -19.58
CA ARG H 120 -36.23 0.58 -20.16
C ARG H 120 -37.08 -0.25 -19.19
N ILE H 121 -36.73 -0.23 -17.91
CA ILE H 121 -37.50 -0.99 -16.92
C ILE H 121 -38.02 -0.03 -15.85
N PRO H 122 -39.04 -0.46 -15.08
CA PRO H 122 -39.62 0.38 -14.03
C PRO H 122 -38.59 0.99 -13.08
N THR H 123 -37.60 0.21 -12.69
CA THR H 123 -36.57 0.69 -11.79
C THR H 123 -35.93 1.98 -12.31
N HIS H 124 -35.68 2.01 -13.62
CA HIS H 124 -35.06 3.16 -14.28
C HIS H 124 -35.96 4.41 -14.23
N LEU H 125 -37.25 4.20 -14.50
CA LEU H 125 -38.23 5.29 -14.48
C LEU H 125 -38.35 5.85 -13.07
N PHE H 126 -38.55 4.96 -12.10
CA PHE H 126 -38.68 5.33 -10.69
C PHE H 126 -37.45 6.08 -10.18
N THR H 127 -36.26 5.67 -10.62
CA THR H 127 -35.02 6.30 -10.20
C THR H 127 -34.88 7.70 -10.82
N PHE H 128 -35.24 7.82 -12.08
CA PHE H 128 -35.20 9.10 -12.82
C PHE H 128 -36.12 10.09 -12.10
N ILE H 129 -37.34 9.65 -11.82
CA ILE H 129 -38.32 10.49 -11.13
C ILE H 129 -37.81 10.93 -9.75
N GLN H 130 -37.26 10.02 -8.97
CA GLN H 130 -36.74 10.33 -7.64
C GLN H 130 -35.60 11.36 -7.72
N PHE H 131 -34.72 11.25 -8.72
CA PHE H 131 -33.64 12.21 -8.86
C PHE H 131 -34.22 13.59 -9.16
N LYS H 132 -35.25 13.65 -10.00
CA LYS H 132 -35.86 14.93 -10.34
C LYS H 132 -36.45 15.59 -9.08
N LYS H 133 -37.06 14.78 -8.22
CA LYS H 133 -37.63 15.29 -6.99
C LYS H 133 -36.51 15.87 -6.14
N ASP H 134 -35.37 15.20 -6.14
CA ASP H 134 -34.20 15.65 -5.38
C ASP H 134 -33.64 16.95 -5.91
N LEU H 135 -33.69 17.12 -7.23
CA LEU H 135 -33.19 18.31 -7.87
C LEU H 135 -34.12 19.51 -7.71
N LYS H 136 -35.42 19.26 -7.49
CA LYS H 136 -36.37 20.37 -7.31
C LYS H 136 -35.79 21.40 -6.37
N GLU H 137 -35.57 20.96 -5.14
CA GLU H 137 -35.01 21.79 -4.09
C GLU H 137 -33.86 22.64 -4.66
N GLY H 138 -32.71 22.00 -4.84
CA GLY H 138 -31.54 22.70 -5.37
C GLY H 138 -31.80 23.55 -6.59
N MET H 139 -32.24 22.93 -7.68
CA MET H 139 -32.49 23.68 -8.92
C MET H 139 -33.71 24.57 -8.80
N LYS H 140 -34.25 24.65 -7.59
CA LYS H 140 -35.42 25.48 -7.27
C LYS H 140 -36.52 25.54 -8.33
N CYS H 141 -36.67 24.46 -9.10
CA CYS H 141 -37.70 24.39 -10.12
C CYS H 141 -38.63 23.24 -9.79
N GLY H 142 -39.80 23.21 -10.42
CA GLY H 142 -40.74 22.14 -10.19
C GLY H 142 -40.46 21.00 -11.14
N MET H 143 -41.19 19.89 -11.02
CA MET H 143 -40.96 18.75 -11.90
C MET H 143 -42.18 18.24 -12.66
N TRP H 144 -43.39 18.59 -12.20
CA TRP H 144 -44.57 18.09 -12.88
C TRP H 144 -45.22 18.94 -13.96
N GLY H 145 -44.39 19.54 -14.81
CA GLY H 145 -44.89 20.34 -15.91
C GLY H 145 -45.57 19.36 -16.86
N ARG H 146 -46.05 19.86 -18.01
CA ARG H 146 -46.75 18.99 -18.97
C ARG H 146 -45.78 18.02 -19.66
N ALA H 147 -44.51 18.42 -19.77
CA ALA H 147 -43.52 17.58 -20.42
C ALA H 147 -43.32 16.24 -19.72
N LEU H 148 -43.17 16.26 -18.40
CA LEU H 148 -42.98 15.03 -17.65
C LEU H 148 -44.24 14.15 -17.71
N ARG H 149 -45.41 14.76 -17.48
CA ARG H 149 -46.66 14.02 -17.52
C ARG H 149 -46.79 13.28 -18.85
N LYS H 150 -46.43 13.96 -19.93
CA LYS H 150 -46.49 13.37 -21.26
C LYS H 150 -45.49 12.21 -21.35
N ALA H 151 -44.25 12.45 -20.90
CA ALA H 151 -43.21 11.42 -20.93
C ALA H 151 -43.65 10.15 -20.17
N VAL H 152 -44.13 10.33 -18.95
CA VAL H 152 -44.59 9.21 -18.15
C VAL H 152 -45.75 8.47 -18.84
N SER H 153 -46.72 9.24 -19.35
CA SER H 153 -47.87 8.66 -20.04
C SER H 153 -47.45 7.85 -21.26
N ASP H 154 -46.54 8.38 -22.06
CA ASP H 154 -46.09 7.66 -23.23
C ASP H 154 -45.31 6.40 -22.83
N TRP H 155 -44.71 6.42 -21.65
CA TRP H 155 -43.93 5.27 -21.18
C TRP H 155 -44.85 4.07 -21.08
N TYR H 156 -46.02 4.26 -20.46
CA TYR H 156 -46.99 3.18 -20.30
C TYR H 156 -47.81 2.88 -21.55
N ASN H 157 -48.27 3.90 -22.27
CA ASN H 157 -49.09 3.69 -23.47
C ASN H 157 -48.40 3.12 -24.70
N THR H 158 -47.08 3.23 -24.79
CA THR H 158 -46.37 2.69 -25.94
C THR H 158 -46.02 1.20 -25.76
N LYS H 159 -46.40 0.63 -24.62
CA LYS H 159 -46.07 -0.76 -24.37
C LYS H 159 -47.19 -1.76 -24.59
N ASP H 160 -46.80 -2.99 -24.90
CA ASP H 160 -47.74 -4.08 -25.11
C ASP H 160 -48.32 -4.38 -23.73
N ALA H 161 -49.65 -4.43 -23.65
CA ALA H 161 -50.34 -4.68 -22.39
C ALA H 161 -49.81 -5.86 -21.58
N LEU H 162 -49.59 -7.00 -22.23
CA LEU H 162 -49.10 -8.18 -21.53
C LEU H 162 -47.70 -7.96 -20.93
N ASN H 163 -46.81 -7.35 -21.71
CA ASN H 163 -45.47 -7.08 -21.23
C ASN H 163 -45.50 -6.07 -20.07
N LEU H 164 -46.46 -5.15 -20.12
CA LEU H 164 -46.60 -4.14 -19.08
C LEU H 164 -47.05 -4.84 -17.80
N ALA H 165 -47.90 -5.85 -17.96
CA ALA H 165 -48.39 -6.62 -16.83
C ALA H 165 -47.20 -7.25 -16.09
N MET H 166 -46.26 -7.80 -16.84
CA MET H 166 -45.07 -8.39 -16.24
C MET H 166 -44.26 -7.33 -15.52
N ALA H 167 -43.93 -6.25 -16.23
CA ALA H 167 -43.14 -5.17 -15.67
C ALA H 167 -43.75 -4.63 -14.39
N VAL H 168 -45.06 -4.41 -14.41
CA VAL H 168 -45.77 -3.88 -13.27
C VAL H 168 -45.87 -4.84 -12.09
N THR H 169 -45.76 -6.14 -12.34
CA THR H 169 -45.84 -7.12 -11.25
C THR H 169 -44.45 -7.54 -10.81
N LYS H 170 -43.48 -7.48 -11.72
CA LYS H 170 -42.10 -7.83 -11.37
C LYS H 170 -41.52 -6.70 -10.51
N TYR H 171 -41.76 -5.45 -10.92
CA TYR H 171 -41.28 -4.29 -10.17
C TYR H 171 -42.46 -3.42 -9.68
N LYS H 172 -43.15 -3.86 -8.63
CA LYS H 172 -44.29 -3.10 -8.10
C LYS H 172 -43.91 -1.67 -7.71
N GLN H 173 -42.76 -1.53 -7.10
CA GLN H 173 -42.25 -0.24 -6.67
C GLN H 173 -40.74 -0.35 -6.40
N ARG H 174 -40.02 0.73 -6.67
CA ARG H 174 -38.57 0.74 -6.45
C ARG H 174 -38.15 2.17 -6.18
N ASN H 175 -37.08 2.31 -5.40
CA ASN H 175 -36.52 3.62 -5.09
C ASN H 175 -37.58 4.60 -4.56
N GLY H 176 -38.54 4.08 -3.81
CA GLY H 176 -39.56 4.92 -3.21
C GLY H 176 -40.81 5.24 -4.03
N TRP H 177 -40.89 4.77 -5.27
CA TRP H 177 -42.05 5.04 -6.10
C TRP H 177 -42.73 3.78 -6.60
N SER H 178 -44.06 3.83 -6.69
CA SER H 178 -44.84 2.69 -7.19
C SER H 178 -45.53 3.14 -8.47
N HIS H 179 -46.00 2.20 -9.26
CA HIS H 179 -46.68 2.57 -10.50
C HIS H 179 -47.96 3.36 -10.21
N LYS H 180 -48.56 3.13 -9.05
CA LYS H 180 -49.76 3.85 -8.68
C LYS H 180 -49.40 5.33 -8.57
N ASP H 181 -48.32 5.62 -7.86
CA ASP H 181 -47.87 7.00 -7.68
C ASP H 181 -47.68 7.71 -9.03
N LEU H 182 -47.13 7.01 -10.01
CA LEU H 182 -46.90 7.62 -11.32
C LEU H 182 -48.19 7.82 -12.12
N LEU H 183 -49.10 6.86 -12.02
CA LEU H 183 -50.36 6.97 -12.74
C LEU H 183 -51.13 8.16 -12.19
N ARG H 184 -51.09 8.33 -10.87
CA ARG H 184 -51.78 9.45 -10.22
C ARG H 184 -51.24 10.81 -10.64
N LEU H 185 -49.91 10.97 -10.67
CA LEU H 185 -49.33 12.26 -11.02
C LEU H 185 -49.32 12.55 -12.52
N SER H 186 -49.29 11.51 -13.35
CA SER H 186 -49.28 11.72 -14.79
C SER H 186 -50.70 11.86 -15.35
N HIS H 187 -51.69 11.32 -14.65
CA HIS H 187 -53.08 11.39 -15.08
C HIS H 187 -53.23 10.76 -16.46
N ILE H 188 -52.47 9.69 -16.69
CA ILE H 188 -52.48 8.97 -17.95
C ILE H 188 -53.87 8.52 -18.39
N LYS H 189 -54.07 8.48 -19.71
CA LYS H 189 -55.31 8.02 -20.30
C LYS H 189 -54.90 6.84 -21.19
N PRO H 190 -55.17 5.61 -20.73
CA PRO H 190 -54.83 4.39 -21.47
C PRO H 190 -55.18 4.47 -22.96
N ALA H 191 -54.32 3.88 -23.80
CA ALA H 191 -54.55 3.90 -25.24
C ALA H 191 -55.43 2.75 -25.73
N ASN H 192 -55.58 1.71 -24.91
CA ASN H 192 -56.41 0.58 -25.31
C ASN H 192 -56.90 -0.26 -24.14
N GLU H 193 -57.79 -1.19 -24.44
CA GLU H 193 -58.39 -2.06 -23.44
C GLU H 193 -57.37 -2.67 -22.48
N GLY H 194 -56.36 -3.34 -23.03
CA GLY H 194 -55.35 -3.95 -22.18
C GLY H 194 -54.77 -2.95 -21.20
N LEU H 195 -54.28 -1.83 -21.72
CA LEU H 195 -53.71 -0.77 -20.91
C LEU H 195 -54.68 -0.34 -19.81
N THR H 196 -55.94 -0.18 -20.17
CA THR H 196 -56.95 0.20 -19.19
C THR H 196 -57.00 -0.82 -18.07
N MET H 197 -56.90 -2.11 -18.44
CA MET H 197 -56.96 -3.18 -17.45
C MET H 197 -55.75 -3.07 -16.51
N VAL H 198 -54.57 -2.92 -17.07
CA VAL H 198 -53.38 -2.79 -16.25
C VAL H 198 -53.45 -1.56 -15.36
N ALA H 199 -53.86 -0.43 -15.93
CA ALA H 199 -53.95 0.80 -15.16
C ALA H 199 -54.91 0.58 -13.99
N LYS H 200 -56.01 -0.08 -14.30
CA LYS H 200 -57.03 -0.37 -13.29
C LYS H 200 -56.42 -1.24 -12.19
N TYR H 201 -55.75 -2.31 -12.59
CA TYR H 201 -55.10 -3.22 -11.64
C TYR H 201 -54.12 -2.46 -10.75
N VAL H 202 -53.29 -1.63 -11.37
CA VAL H 202 -52.28 -0.87 -10.64
C VAL H 202 -52.88 0.18 -9.71
N SER H 203 -54.00 0.77 -10.11
CA SER H 203 -54.64 1.82 -9.32
C SER H 203 -55.53 1.33 -8.18
N LYS H 204 -56.50 0.50 -8.50
CA LYS H 204 -57.44 0.01 -7.49
C LYS H 204 -57.08 -1.33 -6.85
N GLY H 205 -56.97 -2.36 -7.68
CA GLY H 205 -56.62 -3.68 -7.16
C GLY H 205 -57.03 -4.82 -8.07
N TRP H 206 -56.67 -6.04 -7.66
CA TRP H 206 -56.99 -7.23 -8.46
C TRP H 206 -58.50 -7.45 -8.62
N LYS H 207 -59.21 -7.56 -7.50
CA LYS H 207 -60.65 -7.78 -7.54
C LYS H 207 -61.25 -6.78 -8.50
N GLU H 208 -60.95 -5.51 -8.23
CA GLU H 208 -61.44 -4.39 -9.02
C GLU H 208 -61.34 -4.65 -10.52
N VAL H 209 -60.31 -5.38 -10.94
CA VAL H 209 -60.12 -5.68 -12.36
C VAL H 209 -61.13 -6.73 -12.84
N GLN H 210 -61.30 -7.78 -12.04
CA GLN H 210 -62.22 -8.86 -12.37
C GLN H 210 -63.66 -8.35 -12.19
N GLU H 211 -63.88 -7.64 -11.09
CA GLU H 211 -65.19 -7.09 -10.79
C GLU H 211 -65.63 -6.19 -11.94
N ALA H 212 -64.68 -5.40 -12.45
CA ALA H 212 -64.96 -4.47 -13.54
C ALA H 212 -65.12 -5.16 -14.89
N TYR H 213 -64.40 -6.26 -15.09
CA TYR H 213 -64.48 -6.98 -16.36
C TYR H 213 -65.33 -8.24 -16.28
N LYS H 214 -66.24 -8.28 -15.32
CA LYS H 214 -67.12 -9.44 -15.14
C LYS H 214 -67.67 -9.89 -16.48
N GLU H 215 -66.98 -10.85 -17.09
CA GLU H 215 -67.35 -11.40 -18.39
C GLU H 215 -67.83 -10.38 -19.42
N LYS H 216 -66.88 -9.67 -20.01
CA LYS H 216 -67.16 -8.69 -21.05
C LYS H 216 -66.39 -9.21 -22.25
N GLU H 217 -66.72 -8.72 -23.46
CA GLU H 217 -66.02 -9.19 -24.64
C GLU H 217 -64.52 -8.94 -24.54
N LEU H 218 -63.82 -9.84 -23.87
CA LEU H 218 -62.39 -9.71 -23.70
C LEU H 218 -61.66 -10.36 -24.87
N SER H 219 -61.17 -9.54 -25.78
CA SER H 219 -60.46 -10.03 -26.95
C SER H 219 -59.42 -11.07 -26.56
N PRO H 220 -58.99 -11.89 -27.54
CA PRO H 220 -57.98 -12.94 -27.28
C PRO H 220 -56.62 -12.38 -26.91
N GLU H 221 -56.61 -11.16 -26.36
CA GLU H 221 -55.38 -10.51 -25.94
C GLU H 221 -55.56 -10.00 -24.52
N THR H 222 -56.69 -9.34 -24.27
CA THR H 222 -56.98 -8.81 -22.95
C THR H 222 -57.29 -9.96 -21.99
N GLU H 223 -57.54 -11.14 -22.54
CA GLU H 223 -57.83 -12.30 -21.71
C GLU H 223 -56.53 -12.87 -21.14
N LYS H 224 -55.49 -12.87 -21.97
CA LYS H 224 -54.19 -13.37 -21.51
C LYS H 224 -53.70 -12.53 -20.35
N VAL H 225 -53.88 -11.22 -20.47
CA VAL H 225 -53.47 -10.26 -19.45
C VAL H 225 -54.22 -10.51 -18.15
N LEU H 226 -55.52 -10.77 -18.26
CA LEU H 226 -56.33 -11.02 -17.09
C LEU H 226 -55.85 -12.30 -16.40
N LYS H 227 -55.67 -13.36 -17.18
CA LYS H 227 -55.18 -14.63 -16.64
C LYS H 227 -53.81 -14.45 -16.02
N TYR H 228 -52.95 -13.69 -16.70
CA TYR H 228 -51.60 -13.45 -16.19
C TYR H 228 -51.66 -12.77 -14.83
N LEU H 229 -52.37 -11.64 -14.76
CA LEU H 229 -52.50 -10.90 -13.52
C LEU H 229 -53.07 -11.80 -12.44
N GLU H 230 -54.05 -12.62 -12.82
CA GLU H 230 -54.71 -13.56 -11.91
C GLU H 230 -53.66 -14.50 -11.30
N ALA H 231 -52.76 -15.00 -12.15
CA ALA H 231 -51.71 -15.90 -11.71
C ALA H 231 -50.74 -15.22 -10.73
N THR H 232 -50.41 -13.96 -10.97
CA THR H 232 -49.48 -13.28 -10.08
C THR H 232 -50.09 -13.11 -8.70
N GLU H 233 -51.42 -13.04 -8.65
CA GLU H 233 -52.12 -12.90 -7.38
C GLU H 233 -52.24 -14.25 -6.69
N ARG H 234 -52.48 -15.29 -7.48
CA ARG H 234 -52.61 -16.64 -6.95
C ARG H 234 -51.32 -17.20 -6.34
N VAL H 235 -50.19 -16.86 -6.96
CA VAL H 235 -48.91 -17.36 -6.46
C VAL H 235 -48.56 -16.82 -5.07
N LYS H 236 -49.09 -15.65 -4.73
CA LYS H 236 -48.82 -15.06 -3.42
C LYS H 236 -49.79 -15.49 -2.33
N ARG H 237 -50.78 -16.31 -2.69
CA ARG H 237 -51.76 -16.75 -1.71
C ARG H 237 -51.75 -18.26 -1.44
N THR H 238 -51.45 -19.04 -2.47
CA THR H 238 -51.41 -20.48 -2.31
C THR H 238 -50.25 -20.93 -1.44
N LYS H 239 -50.51 -21.95 -0.62
CA LYS H 239 -49.48 -22.49 0.24
C LYS H 239 -49.20 -23.92 -0.21
N ASP H 240 -49.17 -24.09 -1.52
CA ASP H 240 -48.90 -25.38 -2.15
C ASP H 240 -47.68 -25.21 -3.06
N GLU H 241 -46.58 -25.86 -2.70
CA GLU H 241 -45.35 -25.78 -3.46
C GLU H 241 -45.48 -26.15 -4.94
N LEU H 242 -46.14 -27.27 -5.23
CA LEU H 242 -46.31 -27.71 -6.61
C LEU H 242 -47.13 -26.72 -7.43
N GLU H 243 -48.14 -26.13 -6.82
CA GLU H 243 -48.96 -25.17 -7.53
C GLU H 243 -48.09 -23.99 -7.97
N ILE H 244 -47.22 -23.53 -7.08
CA ILE H 244 -46.33 -22.42 -7.40
C ILE H 244 -45.43 -22.81 -8.57
N ILE H 245 -44.89 -24.03 -8.48
CA ILE H 245 -44.02 -24.56 -9.51
C ILE H 245 -44.77 -24.65 -10.84
N HIS H 246 -46.04 -25.05 -10.78
CA HIS H 246 -46.86 -25.15 -11.98
C HIS H 246 -47.20 -23.77 -12.52
N LEU H 247 -47.37 -22.79 -11.63
CA LEU H 247 -47.69 -21.44 -12.05
C LEU H 247 -46.45 -20.83 -12.71
N ILE H 248 -45.30 -21.01 -12.08
CA ILE H 248 -44.04 -20.50 -12.64
C ILE H 248 -43.84 -21.08 -14.03
N ASP H 249 -44.02 -22.39 -14.16
CA ASP H 249 -43.88 -23.08 -15.43
C ASP H 249 -44.76 -22.50 -16.54
N GLU H 250 -46.05 -22.34 -16.26
CA GLU H 250 -46.99 -21.83 -17.27
C GLU H 250 -46.94 -20.34 -17.59
N TYR H 251 -46.81 -19.50 -16.56
CA TYR H 251 -46.77 -18.05 -16.78
C TYR H 251 -45.39 -17.42 -16.75
N ARG H 252 -44.36 -18.25 -16.64
CA ARG H 252 -42.99 -17.78 -16.62
C ARG H 252 -42.74 -16.71 -15.55
N LEU H 253 -43.34 -16.89 -14.39
CA LEU H 253 -43.17 -15.96 -13.29
C LEU H 253 -41.71 -15.97 -12.85
N VAL H 254 -41.24 -14.85 -12.33
CA VAL H 254 -39.85 -14.75 -11.91
C VAL H 254 -39.73 -14.66 -10.39
N ARG H 255 -38.50 -14.63 -9.91
CA ARG H 255 -38.22 -14.55 -8.48
C ARG H 255 -39.07 -13.46 -7.80
N GLU H 256 -39.09 -12.28 -8.40
CA GLU H 256 -39.84 -11.15 -7.86
C GLU H 256 -41.33 -11.38 -7.63
N HIS H 257 -41.93 -12.33 -8.34
CA HIS H 257 -43.35 -12.63 -8.18
C HIS H 257 -43.65 -13.46 -6.92
N LEU H 258 -42.62 -14.10 -6.37
CA LEU H 258 -42.81 -14.97 -5.21
C LEU H 258 -42.68 -14.31 -3.86
N LEU H 259 -43.15 -15.02 -2.83
CA LEU H 259 -43.05 -14.55 -1.46
C LEU H 259 -41.66 -14.93 -0.99
N THR H 260 -41.04 -14.06 -0.22
CA THR H 260 -39.70 -14.35 0.26
C THR H 260 -39.62 -15.75 0.88
N ILE H 261 -40.68 -16.14 1.60
CA ILE H 261 -40.69 -17.44 2.24
C ILE H 261 -40.62 -18.58 1.21
N HIS H 262 -41.04 -18.30 -0.02
CA HIS H 262 -41.01 -19.31 -1.09
C HIS H 262 -39.57 -19.64 -1.50
N LEU H 263 -38.68 -18.64 -1.45
CA LEU H 263 -37.28 -18.80 -1.84
C LEU H 263 -36.44 -19.76 -1.02
N LYS H 264 -37.06 -20.45 -0.09
CA LYS H 264 -36.34 -21.40 0.75
C LYS H 264 -36.47 -22.79 0.13
N SER H 265 -37.27 -22.88 -0.92
CA SER H 265 -37.52 -24.13 -1.62
C SER H 265 -36.63 -24.42 -2.83
N LYS H 266 -35.86 -25.50 -2.72
CA LYS H 266 -34.97 -25.94 -3.79
C LYS H 266 -35.76 -26.23 -5.06
N GLU H 267 -36.93 -26.84 -4.90
CA GLU H 267 -37.75 -27.15 -6.06
C GLU H 267 -38.21 -25.89 -6.78
N ILE H 268 -38.63 -24.88 -6.02
CA ILE H 268 -39.07 -23.64 -6.64
C ILE H 268 -37.93 -22.95 -7.40
N TRP H 269 -36.70 -23.02 -6.86
CA TRP H 269 -35.56 -22.41 -7.53
C TRP H 269 -35.25 -23.13 -8.84
N LYS H 270 -35.38 -24.47 -8.83
CA LYS H 270 -35.12 -25.25 -10.03
C LYS H 270 -36.06 -24.79 -11.12
N SER H 271 -37.31 -24.59 -10.73
CA SER H 271 -38.34 -24.15 -11.65
C SER H 271 -38.02 -22.72 -12.14
N LEU H 272 -37.52 -21.88 -11.25
CA LEU H 272 -37.16 -20.50 -11.59
C LEU H 272 -35.98 -20.47 -12.56
N LEU H 273 -35.00 -21.35 -12.36
CA LEU H 273 -33.82 -21.38 -13.23
C LEU H 273 -34.20 -21.60 -14.69
N GLN H 274 -35.25 -22.38 -14.92
CA GLN H 274 -35.71 -22.68 -16.26
C GLN H 274 -35.79 -21.49 -17.21
N ASP H 275 -36.38 -20.39 -16.76
CA ASP H 275 -36.47 -19.19 -17.60
C ASP H 275 -35.91 -17.95 -16.92
N MET H 276 -34.95 -18.14 -16.02
CA MET H 276 -34.34 -17.03 -15.29
C MET H 276 -33.59 -16.09 -16.25
N PRO H 277 -33.95 -14.78 -16.23
CA PRO H 277 -33.23 -13.86 -17.13
C PRO H 277 -31.75 -13.80 -16.75
N LEU H 278 -30.93 -13.42 -17.73
CA LEU H 278 -29.48 -13.37 -17.56
C LEU H 278 -28.90 -12.66 -16.34
N THR H 279 -29.30 -11.42 -16.07
CA THR H 279 -28.74 -10.71 -14.93
C THR H 279 -29.11 -11.44 -13.64
N ALA H 280 -30.37 -11.81 -13.51
CA ALA H 280 -30.81 -12.51 -12.31
C ALA H 280 -29.97 -13.78 -12.13
N LEU H 281 -29.71 -14.49 -13.23
CA LEU H 281 -28.91 -15.72 -13.20
C LEU H 281 -27.53 -15.42 -12.60
N LEU H 282 -26.88 -14.42 -13.17
CA LEU H 282 -25.56 -13.98 -12.72
C LEU H 282 -25.50 -13.69 -11.23
N ARG H 283 -26.55 -13.05 -10.70
CA ARG H 283 -26.57 -12.69 -9.29
C ARG H 283 -26.96 -13.76 -8.30
N ASN H 284 -27.48 -14.88 -8.78
CA ASN H 284 -27.91 -15.93 -7.86
C ASN H 284 -27.15 -17.24 -7.97
N LEU H 285 -25.97 -17.20 -8.61
CA LEU H 285 -25.16 -18.39 -8.76
C LEU H 285 -24.80 -19.02 -7.42
N GLY H 286 -24.31 -18.21 -6.49
CA GLY H 286 -23.96 -18.75 -5.18
C GLY H 286 -25.14 -19.43 -4.51
N LYS H 287 -26.25 -18.72 -4.43
CA LYS H 287 -27.46 -19.24 -3.81
C LYS H 287 -27.86 -20.59 -4.42
N MET H 288 -27.99 -20.64 -5.74
CA MET H 288 -28.38 -21.87 -6.41
C MET H 288 -27.34 -23.00 -6.29
N THR H 289 -26.10 -22.64 -6.02
CA THR H 289 -25.05 -23.65 -5.86
C THR H 289 -25.17 -24.22 -4.45
N ALA H 290 -25.43 -23.35 -3.49
CA ALA H 290 -25.58 -23.74 -2.10
C ALA H 290 -26.78 -24.67 -1.90
N ASP H 291 -27.88 -24.40 -2.59
CA ASP H 291 -29.08 -25.21 -2.47
C ASP H 291 -29.05 -26.47 -3.34
N SER H 292 -28.00 -26.62 -4.12
CA SER H 292 -27.84 -27.77 -5.00
C SER H 292 -28.71 -27.78 -6.25
N VAL H 293 -29.20 -26.63 -6.70
CA VAL H 293 -29.97 -26.64 -7.93
C VAL H 293 -28.92 -26.60 -9.05
N LEU H 294 -27.73 -26.16 -8.70
CA LEU H 294 -26.60 -26.10 -9.61
C LEU H 294 -25.57 -27.08 -9.04
N ALA H 295 -25.91 -28.38 -9.14
CA ALA H 295 -25.07 -29.45 -8.62
C ALA H 295 -23.89 -29.80 -9.50
N PRO H 296 -22.76 -30.15 -8.88
CA PRO H 296 -21.55 -30.52 -9.63
C PRO H 296 -21.85 -31.54 -10.72
N ALA H 297 -21.25 -31.35 -11.90
CA ALA H 297 -21.41 -32.25 -13.03
C ALA H 297 -22.84 -32.40 -13.57
N SER H 298 -23.76 -31.57 -13.09
CA SER H 298 -25.16 -31.63 -13.53
C SER H 298 -25.36 -31.03 -14.92
N SER H 299 -26.50 -31.31 -15.52
CA SER H 299 -26.82 -30.79 -16.84
C SER H 299 -27.28 -29.34 -16.71
N GLU H 300 -27.75 -28.97 -15.52
CA GLU H 300 -28.19 -27.60 -15.28
C GLU H 300 -26.97 -26.69 -15.34
N VAL H 301 -25.87 -27.15 -14.75
CA VAL H 301 -24.62 -26.39 -14.75
C VAL H 301 -24.11 -26.18 -16.17
N SER H 302 -24.18 -27.22 -17.01
CA SER H 302 -23.73 -27.10 -18.39
C SER H 302 -24.59 -26.08 -19.11
N SER H 303 -25.89 -26.13 -18.84
CA SER H 303 -26.83 -25.20 -19.46
C SER H 303 -26.44 -23.77 -19.05
N VAL H 304 -26.23 -23.58 -17.76
CA VAL H 304 -25.85 -22.28 -17.23
C VAL H 304 -24.54 -21.76 -17.86
N CYS H 305 -23.55 -22.64 -18.01
CA CYS H 305 -22.27 -22.25 -18.60
C CYS H 305 -22.43 -21.85 -20.06
N GLU H 306 -23.40 -22.46 -20.74
CA GLU H 306 -23.66 -22.14 -22.14
C GLU H 306 -24.30 -20.76 -22.24
N ARG H 307 -25.24 -20.47 -21.35
CA ARG H 307 -25.91 -19.19 -21.36
C ARG H 307 -24.92 -18.07 -21.03
N LEU H 308 -24.11 -18.27 -20.01
CA LEU H 308 -23.13 -17.27 -19.59
C LEU H 308 -22.06 -16.97 -20.62
N THR H 309 -21.82 -17.89 -21.54
CA THR H 309 -20.78 -17.68 -22.54
C THR H 309 -21.29 -17.41 -23.94
N ASN H 310 -22.57 -17.10 -24.06
CA ASN H 310 -23.16 -16.79 -25.36
C ASN H 310 -23.03 -15.28 -25.55
N GLU H 311 -21.98 -14.88 -26.27
CA GLU H 311 -21.68 -13.47 -26.53
C GLU H 311 -22.85 -12.65 -27.06
N LYS H 312 -23.52 -13.19 -28.07
CA LYS H 312 -24.66 -12.50 -28.66
C LYS H 312 -25.70 -12.11 -27.61
N LEU H 313 -26.07 -13.06 -26.76
CA LEU H 313 -27.06 -12.79 -25.72
C LEU H 313 -26.51 -11.90 -24.59
N LEU H 314 -25.24 -12.06 -24.26
CA LEU H 314 -24.64 -11.23 -23.21
C LEU H 314 -24.83 -9.78 -23.61
N LYS H 315 -24.62 -9.51 -24.90
CA LYS H 315 -24.75 -8.16 -25.42
C LYS H 315 -26.22 -7.75 -25.44
N LYS H 316 -27.07 -8.64 -25.93
CA LYS H 316 -28.50 -8.35 -26.00
C LYS H 316 -29.07 -7.96 -24.63
N ALA H 317 -28.65 -8.65 -23.58
CA ALA H 317 -29.15 -8.36 -22.24
C ALA H 317 -28.35 -7.25 -21.54
N ARG H 318 -27.38 -6.70 -22.25
CA ARG H 318 -26.53 -5.65 -21.71
C ARG H 318 -25.83 -6.08 -20.42
N ILE H 319 -25.12 -7.22 -20.46
CA ILE H 319 -24.39 -7.67 -19.29
C ILE H 319 -23.04 -6.95 -19.37
N HIS H 320 -22.72 -6.19 -18.33
CA HIS H 320 -21.50 -5.41 -18.29
C HIS H 320 -20.34 -6.15 -17.65
N PRO H 321 -19.13 -6.04 -18.23
CA PRO H 321 -17.95 -6.72 -17.67
C PRO H 321 -17.80 -6.53 -16.17
N PHE H 322 -18.22 -5.38 -15.66
CA PHE H 322 -18.10 -5.14 -14.23
C PHE H 322 -19.07 -6.01 -13.42
N HIS H 323 -20.26 -6.28 -13.95
CA HIS H 323 -21.21 -7.14 -13.23
C HIS H 323 -20.60 -8.53 -13.12
N ILE H 324 -19.99 -8.96 -14.22
CA ILE H 324 -19.36 -10.28 -14.28
C ILE H 324 -18.17 -10.37 -13.32
N LEU H 325 -17.36 -9.31 -13.27
CA LEU H 325 -16.20 -9.29 -12.38
C LEU H 325 -16.68 -9.42 -10.94
N VAL H 326 -17.67 -8.63 -10.56
CA VAL H 326 -18.20 -8.67 -9.21
C VAL H 326 -18.85 -10.02 -8.94
N ALA H 327 -19.59 -10.53 -9.93
CA ALA H 327 -20.24 -11.82 -9.78
C ALA H 327 -19.16 -12.88 -9.55
N LEU H 328 -18.10 -12.83 -10.34
CA LEU H 328 -17.01 -13.79 -10.20
C LEU H 328 -16.48 -13.81 -8.76
N GLU H 329 -15.94 -12.68 -8.30
CA GLU H 329 -15.40 -12.59 -6.95
C GLU H 329 -16.40 -13.02 -5.89
N THR H 330 -17.64 -12.56 -6.03
CA THR H 330 -18.67 -12.93 -5.08
C THR H 330 -18.74 -14.45 -5.02
N TYR H 331 -18.99 -15.04 -6.19
CA TYR H 331 -19.10 -16.48 -6.31
C TYR H 331 -17.88 -17.23 -5.75
N LYS H 332 -16.68 -16.78 -6.13
CA LYS H 332 -15.43 -17.38 -5.67
C LYS H 332 -15.28 -17.32 -4.16
N LYS H 333 -15.96 -16.35 -3.56
CA LYS H 333 -15.90 -16.18 -2.11
C LYS H 333 -16.33 -17.48 -1.42
N GLY H 334 -17.39 -18.09 -1.94
CA GLY H 334 -17.86 -19.34 -1.38
C GLY H 334 -18.87 -19.19 -0.25
N HIS H 335 -19.19 -17.96 0.12
CA HIS H 335 -20.15 -17.73 1.20
C HIS H 335 -20.73 -16.35 1.15
N GLY H 336 -21.94 -16.21 1.69
CA GLY H 336 -22.61 -14.91 1.71
C GLY H 336 -22.34 -14.15 2.98
N ASN H 337 -21.82 -12.94 2.84
CA ASN H 337 -21.51 -12.08 3.99
C ASN H 337 -22.63 -12.03 5.02
N LYS H 340 -24.53 -16.74 6.51
CA LYS H 340 -24.47 -18.13 6.95
C LYS H 340 -24.47 -19.07 5.74
N LEU H 341 -24.91 -18.56 4.60
CA LEU H 341 -24.97 -19.34 3.37
C LEU H 341 -23.56 -19.65 2.86
N ARG H 342 -23.30 -20.92 2.56
CA ARG H 342 -22.00 -21.36 2.07
C ARG H 342 -22.13 -22.28 0.86
N TRP H 343 -21.14 -22.25 -0.01
CA TRP H 343 -21.14 -23.09 -1.20
C TRP H 343 -19.72 -23.27 -1.71
N ILE H 344 -19.52 -24.29 -2.53
CA ILE H 344 -18.22 -24.58 -3.11
C ILE H 344 -18.29 -24.15 -4.56
N PRO H 345 -17.55 -23.10 -4.94
CA PRO H 345 -17.59 -22.65 -6.33
C PRO H 345 -17.38 -23.77 -7.35
N ASP H 346 -18.23 -23.79 -8.36
CA ASP H 346 -18.12 -24.82 -9.38
C ASP H 346 -17.09 -24.38 -10.42
N THR H 347 -16.06 -25.20 -10.57
CA THR H 347 -14.97 -24.98 -11.49
C THR H 347 -15.46 -24.56 -12.87
N SER H 348 -16.48 -25.26 -13.36
CA SER H 348 -17.02 -24.98 -14.68
C SER H 348 -17.65 -23.59 -14.77
N ILE H 349 -18.30 -23.17 -13.69
CA ILE H 349 -18.95 -21.86 -13.65
C ILE H 349 -17.88 -20.76 -13.62
N VAL H 350 -16.88 -20.95 -12.77
CA VAL H 350 -15.80 -19.99 -12.64
C VAL H 350 -15.08 -19.80 -13.97
N GLU H 351 -14.98 -20.88 -14.74
CA GLU H 351 -14.32 -20.83 -16.03
C GLU H 351 -15.20 -20.08 -17.03
N ALA H 352 -16.51 -20.30 -16.93
CA ALA H 352 -17.44 -19.65 -17.84
C ALA H 352 -17.51 -18.15 -17.58
N LEU H 353 -17.46 -17.75 -16.32
CA LEU H 353 -17.50 -16.34 -15.97
C LEU H 353 -16.26 -15.62 -16.51
N ASP H 354 -15.11 -16.27 -16.37
CA ASP H 354 -13.85 -15.71 -16.83
C ASP H 354 -13.98 -15.47 -18.34
N ASN H 355 -14.59 -16.44 -19.01
CA ASN H 355 -14.78 -16.39 -20.45
C ASN H 355 -15.77 -15.29 -20.84
N ALA H 356 -16.86 -15.19 -20.09
CA ALA H 356 -17.89 -14.18 -20.35
C ALA H 356 -17.36 -12.75 -20.18
N PHE H 357 -16.45 -12.56 -19.22
CA PHE H 357 -15.89 -11.24 -18.95
C PHE H 357 -15.41 -10.56 -20.23
N TYR H 358 -14.51 -11.22 -20.95
CA TYR H 358 -13.95 -10.66 -22.17
C TYR H 358 -14.99 -10.48 -23.26
N LYS H 359 -15.88 -11.45 -23.40
CA LYS H 359 -16.92 -11.38 -24.41
C LYS H 359 -17.90 -10.22 -24.18
N SER H 360 -18.03 -9.75 -22.94
CA SER H 360 -18.96 -8.67 -22.67
C SER H 360 -18.46 -7.30 -23.14
N PHE H 361 -17.18 -7.20 -23.48
CA PHE H 361 -16.62 -5.93 -23.96
C PHE H 361 -16.82 -5.86 -25.48
N LYS H 362 -16.85 -4.65 -26.03
CA LYS H 362 -16.94 -4.49 -27.48
C LYS H 362 -15.53 -4.84 -27.97
N LEU H 363 -15.38 -5.97 -28.65
CA LEU H 363 -14.05 -6.39 -29.13
C LEU H 363 -13.64 -5.78 -30.46
N VAL H 364 -12.35 -5.77 -30.74
CA VAL H 364 -11.83 -5.22 -31.97
C VAL H 364 -10.68 -6.08 -32.48
N GLU H 365 -10.22 -5.78 -33.70
CA GLU H 365 -9.10 -6.51 -34.29
C GLU H 365 -7.84 -5.84 -33.77
N PRO H 366 -6.84 -6.64 -33.37
CA PRO H 366 -5.59 -6.06 -32.85
C PRO H 366 -4.90 -5.15 -33.86
N THR H 367 -4.20 -4.13 -33.34
CA THR H 367 -3.47 -3.19 -34.19
C THR H 367 -2.07 -3.73 -34.44
N GLY H 368 -1.62 -4.64 -33.59
CA GLY H 368 -0.31 -5.24 -33.73
C GLY H 368 0.81 -4.37 -33.17
N LYS H 369 0.48 -3.19 -32.67
CA LYS H 369 1.46 -2.28 -32.13
C LYS H 369 2.02 -2.71 -30.77
N ARG H 370 3.04 -1.99 -30.32
CA ARG H 370 3.69 -2.27 -29.05
C ARG H 370 3.08 -1.51 -27.88
N PHE H 371 2.45 -2.23 -26.95
CA PHE H 371 1.81 -1.60 -25.80
C PHE H 371 2.54 -1.80 -24.48
N LEU H 372 2.66 -0.72 -23.72
CA LEU H 372 3.27 -0.78 -22.39
C LEU H 372 2.10 -0.40 -21.48
N LEU H 373 1.58 -1.36 -20.72
CA LEU H 373 0.45 -1.11 -19.83
C LEU H 373 0.94 -0.92 -18.41
N ALA H 374 0.69 0.26 -17.85
CA ALA H 374 1.13 0.59 -16.50
C ALA H 374 -0.01 0.79 -15.52
N ILE H 375 0.01 0.01 -14.43
CA ILE H 375 -1.03 0.11 -13.42
C ILE H 375 -0.51 0.85 -12.19
N ASP H 376 -1.25 1.90 -11.81
CA ASP H 376 -0.92 2.69 -10.64
C ASP H 376 -1.34 1.85 -9.43
N VAL H 377 -0.40 1.58 -8.52
CA VAL H 377 -0.72 0.79 -7.33
C VAL H 377 -0.35 1.55 -6.06
N SER H 378 -0.42 2.88 -6.15
CA SER H 378 -0.13 3.75 -5.02
C SER H 378 -1.29 3.56 -4.01
N ALA H 379 -1.09 4.03 -2.78
CA ALA H 379 -2.11 3.88 -1.74
C ALA H 379 -3.51 4.38 -2.09
N SER H 380 -3.58 5.42 -2.90
CA SER H 380 -4.89 5.98 -3.25
C SER H 380 -5.74 5.02 -4.06
N MET H 381 -5.08 4.17 -4.83
CA MET H 381 -5.78 3.22 -5.69
C MET H 381 -6.46 2.09 -4.90
N ASN H 382 -6.39 2.15 -3.58
CA ASN H 382 -7.06 1.16 -2.76
C ASN H 382 -8.53 1.57 -2.61
N GLN H 383 -8.87 2.74 -3.15
CA GLN H 383 -10.24 3.27 -3.11
C GLN H 383 -11.14 2.30 -3.86
N ARG H 384 -12.36 2.08 -3.36
CA ARG H 384 -13.29 1.14 -3.99
C ARG H 384 -14.01 1.78 -5.17
N VAL H 385 -14.41 0.97 -6.15
CA VAL H 385 -15.11 1.54 -7.28
C VAL H 385 -16.55 1.04 -7.34
N LEU H 386 -17.47 1.94 -7.70
CA LEU H 386 -18.87 1.60 -7.84
C LEU H 386 -19.46 0.89 -6.62
N GLY H 387 -19.04 1.32 -5.43
CA GLY H 387 -19.53 0.75 -4.18
C GLY H 387 -19.30 -0.73 -3.97
N SER H 388 -18.32 -1.31 -4.65
CA SER H 388 -18.04 -2.74 -4.51
C SER H 388 -16.83 -2.98 -3.62
N ILE H 389 -16.46 -4.24 -3.46
CA ILE H 389 -15.32 -4.62 -2.65
C ILE H 389 -14.02 -4.55 -3.45
N LEU H 390 -14.16 -4.32 -4.76
CA LEU H 390 -13.00 -4.26 -5.63
C LEU H 390 -12.36 -2.86 -5.63
N ASN H 391 -11.05 -2.77 -5.41
CA ASN H 391 -10.40 -1.47 -5.43
C ASN H 391 -9.97 -1.07 -6.85
N ALA H 392 -9.49 0.16 -7.00
CA ALA H 392 -9.08 0.68 -8.30
C ALA H 392 -7.95 -0.11 -8.97
N SER H 393 -6.99 -0.60 -8.20
CA SER H 393 -5.89 -1.37 -8.81
C SER H 393 -6.41 -2.67 -9.40
N VAL H 394 -7.34 -3.31 -8.69
CA VAL H 394 -7.94 -4.55 -9.16
C VAL H 394 -8.65 -4.30 -10.51
N VAL H 395 -9.59 -3.36 -10.51
CA VAL H 395 -10.34 -3.02 -11.71
C VAL H 395 -9.41 -2.65 -12.86
N ALA H 396 -8.36 -1.88 -12.56
CA ALA H 396 -7.41 -1.47 -13.59
C ALA H 396 -6.73 -2.70 -14.18
N ALA H 397 -6.35 -3.64 -13.31
CA ALA H 397 -5.70 -4.85 -13.75
C ALA H 397 -6.61 -5.67 -14.67
N ALA H 398 -7.92 -5.62 -14.42
CA ALA H 398 -8.86 -6.34 -15.26
C ALA H 398 -8.91 -5.72 -16.65
N MET H 399 -8.85 -4.38 -16.74
CA MET H 399 -8.88 -3.71 -18.04
C MET H 399 -7.59 -4.04 -18.77
N CYS H 400 -6.51 -4.09 -18.00
CA CYS H 400 -5.18 -4.39 -18.51
C CYS H 400 -5.16 -5.77 -19.18
N MET H 401 -5.74 -6.76 -18.50
CA MET H 401 -5.79 -8.11 -19.03
C MET H 401 -6.56 -8.11 -20.36
N LEU H 402 -7.60 -7.27 -20.43
CA LEU H 402 -8.41 -7.16 -21.64
C LEU H 402 -7.51 -6.78 -22.82
N VAL H 403 -6.75 -5.70 -22.67
CA VAL H 403 -5.86 -5.26 -23.74
C VAL H 403 -4.76 -6.27 -24.00
N ALA H 404 -4.14 -6.75 -22.93
CA ALA H 404 -3.06 -7.72 -23.05
C ALA H 404 -3.51 -8.96 -23.84
N ARG H 405 -4.75 -9.39 -23.65
CA ARG H 405 -5.24 -10.55 -24.40
C ARG H 405 -5.66 -10.17 -25.81
N THR H 406 -5.77 -8.86 -26.06
CA THR H 406 -6.14 -8.40 -27.40
C THR H 406 -4.85 -8.17 -28.17
N GLU H 407 -3.96 -7.35 -27.62
CA GLU H 407 -2.69 -7.04 -28.26
C GLU H 407 -1.60 -7.94 -27.70
N LYS H 408 -1.08 -8.83 -28.54
CA LYS H 408 -0.06 -9.79 -28.13
C LYS H 408 1.20 -9.08 -27.61
N ASP H 409 1.64 -8.06 -28.32
CA ASP H 409 2.84 -7.35 -27.89
C ASP H 409 2.50 -6.39 -26.76
N SER H 410 2.15 -6.95 -25.61
CA SER H 410 1.81 -6.16 -24.43
C SER H 410 2.69 -6.50 -23.25
N HIS H 411 3.19 -5.48 -22.59
CA HIS H 411 4.04 -5.67 -21.42
C HIS H 411 3.38 -4.94 -20.27
N MET H 412 2.98 -5.68 -19.24
CA MET H 412 2.33 -5.08 -18.08
C MET H 412 3.33 -4.71 -16.97
N VAL H 413 3.16 -3.52 -16.40
CA VAL H 413 4.00 -3.07 -15.30
C VAL H 413 3.14 -2.34 -14.29
N ALA H 414 3.66 -2.22 -13.06
CA ALA H 414 2.93 -1.54 -12.00
C ALA H 414 3.85 -0.46 -11.42
N PHE H 415 3.27 0.50 -10.71
CA PHE H 415 4.05 1.58 -10.13
C PHE H 415 3.29 2.37 -9.08
N SER H 416 4.04 3.03 -8.23
CA SER H 416 3.50 3.90 -7.19
C SER H 416 4.48 5.07 -7.23
N ASP H 417 5.35 5.16 -6.23
CA ASP H 417 6.36 6.20 -6.20
C ASP H 417 7.68 5.57 -6.70
N GLU H 418 7.57 4.34 -7.20
CA GLU H 418 8.69 3.60 -7.76
C GLU H 418 8.13 2.49 -8.62
N MET H 419 8.96 1.93 -9.50
CA MET H 419 8.49 0.84 -10.35
C MET H 419 8.47 -0.45 -9.52
N LEU H 420 7.31 -1.12 -9.51
CA LEU H 420 7.14 -2.37 -8.78
C LEU H 420 6.81 -3.50 -9.75
N PRO H 421 7.21 -4.74 -9.41
CA PRO H 421 6.92 -5.88 -10.29
C PRO H 421 5.42 -6.11 -10.43
N CYS H 422 4.98 -6.57 -11.60
CA CYS H 422 3.57 -6.83 -11.83
C CYS H 422 3.31 -8.32 -11.59
N PRO H 423 2.57 -8.64 -10.51
CA PRO H 423 2.24 -10.01 -10.13
C PRO H 423 1.33 -10.78 -11.08
N ILE H 424 0.87 -10.16 -12.16
CA ILE H 424 -0.04 -10.87 -13.04
C ILE H 424 0.47 -11.24 -14.44
N THR H 425 -0.14 -12.29 -14.99
CA THR H 425 0.20 -12.82 -16.31
C THR H 425 -1.07 -12.97 -17.16
N VAL H 426 -0.92 -12.81 -18.47
CA VAL H 426 -2.05 -12.93 -19.39
C VAL H 426 -2.76 -14.29 -19.32
N ASN H 427 -2.10 -15.29 -18.74
CA ASN H 427 -2.68 -16.63 -18.63
C ASN H 427 -3.57 -16.86 -17.40
N MET H 428 -3.39 -16.08 -16.35
CA MET H 428 -4.18 -16.27 -15.15
C MET H 428 -5.67 -16.12 -15.39
N LEU H 429 -6.44 -16.64 -14.44
CA LEU H 429 -7.89 -16.53 -14.46
C LEU H 429 -8.12 -15.25 -13.67
N LEU H 430 -9.25 -14.59 -13.92
CA LEU H 430 -9.56 -13.35 -13.23
C LEU H 430 -9.47 -13.37 -11.71
N HIS H 431 -10.03 -14.40 -11.06
CA HIS H 431 -9.96 -14.42 -9.61
C HIS H 431 -8.54 -14.42 -9.08
N GLU H 432 -7.62 -15.02 -9.83
CA GLU H 432 -6.22 -15.03 -9.41
C GLU H 432 -5.66 -13.62 -9.53
N VAL H 433 -6.06 -12.92 -10.59
CA VAL H 433 -5.63 -11.56 -10.82
C VAL H 433 -6.12 -10.69 -9.69
N VAL H 434 -7.39 -10.85 -9.31
CA VAL H 434 -7.96 -10.08 -8.22
C VAL H 434 -7.21 -10.41 -6.93
N GLU H 435 -6.88 -11.68 -6.75
CA GLU H 435 -6.16 -12.11 -5.55
C GLU H 435 -4.78 -11.45 -5.41
N LYS H 436 -4.06 -11.38 -6.52
CA LYS H 436 -2.71 -10.81 -6.52
C LYS H 436 -2.60 -9.29 -6.60
N MET H 437 -3.70 -8.60 -6.91
CA MET H 437 -3.65 -7.14 -7.02
C MET H 437 -4.35 -6.43 -5.85
N SER H 438 -5.18 -7.17 -5.12
CA SER H 438 -5.94 -6.60 -4.02
C SER H 438 -5.18 -6.01 -2.85
N ASP H 439 -4.10 -6.65 -2.43
CA ASP H 439 -3.32 -6.18 -1.28
C ASP H 439 -1.98 -5.54 -1.53
N ILE H 440 -1.72 -5.07 -2.74
CA ILE H 440 -0.42 -4.46 -3.01
C ILE H 440 -0.38 -2.95 -3.15
N THR H 441 -1.48 -2.24 -2.90
CA THR H 441 -1.44 -0.79 -3.02
C THR H 441 -0.58 -0.23 -1.90
N MET H 442 0.23 0.77 -2.20
CA MET H 442 1.12 1.36 -1.19
C MET H 442 1.95 2.47 -1.81
N GLY H 443 2.35 3.43 -0.97
CA GLY H 443 3.20 4.52 -1.42
C GLY H 443 2.55 5.71 -2.08
N SER H 444 3.40 6.68 -2.42
CA SER H 444 2.98 7.90 -3.07
C SER H 444 2.81 7.64 -4.56
N THR H 445 2.46 8.68 -5.30
CA THR H 445 2.18 8.56 -6.73
C THR H 445 3.06 9.39 -7.70
N ASP H 446 3.67 8.69 -8.64
CA ASP H 446 4.49 9.36 -9.63
C ASP H 446 4.11 8.79 -11.00
N CYS H 447 3.13 9.40 -11.66
CA CYS H 447 2.66 8.92 -12.95
C CYS H 447 3.61 9.06 -14.12
N ALA H 448 4.76 9.67 -13.87
CA ALA H 448 5.76 9.86 -14.91
C ALA H 448 6.68 8.63 -15.03
N LEU H 449 6.72 7.81 -13.99
CA LEU H 449 7.59 6.64 -13.99
C LEU H 449 7.53 5.72 -15.19
N PRO H 450 6.32 5.31 -15.61
CA PRO H 450 6.22 4.42 -16.77
C PRO H 450 7.06 4.86 -17.96
N MET H 451 6.91 6.12 -18.36
CA MET H 451 7.64 6.64 -19.50
C MET H 451 9.13 6.79 -19.14
N LEU H 452 9.44 7.24 -17.93
CA LEU H 452 10.84 7.39 -17.53
C LEU H 452 11.53 6.02 -17.50
N TRP H 453 10.84 5.02 -16.94
CA TRP H 453 11.38 3.68 -16.85
C TRP H 453 11.64 3.10 -18.25
N ALA H 454 10.71 3.32 -19.16
CA ALA H 454 10.85 2.81 -20.53
C ALA H 454 12.03 3.46 -21.26
N GLN H 455 12.29 4.72 -20.97
CA GLN H 455 13.40 5.41 -21.63
C GLN H 455 14.72 4.88 -21.08
N LYS H 456 14.88 4.92 -19.75
CA LYS H 456 16.11 4.44 -19.13
C LYS H 456 16.49 3.02 -19.55
N THR H 457 15.51 2.12 -19.64
CA THR H 457 15.77 0.74 -20.01
C THR H 457 15.76 0.46 -21.52
N ASN H 458 15.50 1.50 -22.32
CA ASN H 458 15.45 1.34 -23.77
C ASN H 458 14.35 0.37 -24.17
N THR H 459 13.21 0.47 -23.51
CA THR H 459 12.07 -0.38 -23.81
C THR H 459 11.24 0.35 -24.85
N ALA H 460 11.07 -0.28 -26.01
CA ALA H 460 10.33 0.33 -27.10
C ALA H 460 8.82 0.08 -26.98
N ALA H 461 8.05 1.16 -27.09
CA ALA H 461 6.60 1.06 -27.00
C ALA H 461 5.96 2.17 -27.81
N ASP H 462 4.96 1.79 -28.61
CA ASP H 462 4.23 2.75 -29.45
C ASP H 462 3.12 3.42 -28.64
N ILE H 463 2.51 2.64 -27.74
CA ILE H 463 1.41 3.15 -26.93
C ILE H 463 1.60 2.87 -25.44
N PHE H 464 1.45 3.93 -24.63
CA PHE H 464 1.54 3.83 -23.18
C PHE H 464 0.11 3.97 -22.66
N ILE H 465 -0.37 2.99 -21.91
CA ILE H 465 -1.70 3.07 -21.33
C ILE H 465 -1.50 3.06 -19.80
N VAL H 466 -1.79 4.19 -19.17
CA VAL H 466 -1.62 4.31 -17.72
C VAL H 466 -2.97 4.35 -17.01
N PHE H 467 -3.23 3.36 -16.16
CA PHE H 467 -4.48 3.28 -15.43
C PHE H 467 -4.22 3.93 -14.07
N THR H 468 -4.83 5.09 -13.86
CA THR H 468 -4.61 5.85 -12.63
C THR H 468 -5.77 6.78 -12.35
N ASP H 469 -5.71 7.46 -11.19
CA ASP H 469 -6.74 8.43 -10.80
C ASP H 469 -6.15 9.82 -11.09
N CYS H 470 -4.95 9.82 -11.64
CA CYS H 470 -4.24 11.06 -11.98
C CYS H 470 -3.83 11.94 -10.81
N GLU H 471 -3.89 11.38 -9.60
CA GLU H 471 -3.50 12.15 -8.43
C GLU H 471 -1.99 12.01 -8.24
N THR H 472 -1.23 12.42 -9.26
CA THR H 472 0.23 12.35 -9.18
C THR H 472 0.66 13.37 -8.12
N ASN H 473 1.71 13.07 -7.36
CA ASN H 473 2.12 13.98 -6.30
C ASN H 473 3.54 13.78 -5.79
N VAL H 474 4.47 13.47 -6.69
CA VAL H 474 5.85 13.27 -6.30
C VAL H 474 6.73 14.33 -6.91
N GLU H 475 7.83 14.65 -6.24
CA GLU H 475 8.74 15.67 -6.75
C GLU H 475 9.55 15.08 -7.91
N ASP H 476 8.88 14.93 -9.05
CA ASP H 476 9.52 14.40 -10.24
C ASP H 476 8.92 15.19 -11.41
N VAL H 477 9.47 15.04 -12.61
CA VAL H 477 8.97 15.77 -13.77
C VAL H 477 7.49 15.43 -14.02
N HIS H 478 6.83 16.21 -14.86
CA HIS H 478 5.43 15.98 -15.18
C HIS H 478 5.37 14.81 -16.15
N PRO H 479 4.36 13.93 -16.00
CA PRO H 479 4.28 12.80 -16.94
C PRO H 479 4.27 13.22 -18.40
N ALA H 480 3.69 14.38 -18.71
CA ALA H 480 3.65 14.86 -20.08
C ALA H 480 5.07 15.12 -20.55
N THR H 481 5.88 15.68 -19.65
CA THR H 481 7.28 15.97 -19.95
C THR H 481 8.00 14.65 -20.15
N ALA H 482 7.80 13.72 -19.22
CA ALA H 482 8.41 12.41 -19.30
C ALA H 482 8.09 11.72 -20.62
N LEU H 483 6.89 11.97 -21.15
CA LEU H 483 6.49 11.36 -22.41
C LEU H 483 7.16 12.06 -23.59
N LYS H 484 7.28 13.37 -23.52
CA LYS H 484 7.93 14.14 -24.57
C LYS H 484 9.40 13.77 -24.63
N GLN H 485 10.02 13.64 -23.47
CA GLN H 485 11.44 13.25 -23.40
C GLN H 485 11.60 11.87 -24.00
N TYR H 486 10.69 10.97 -23.65
CA TYR H 486 10.76 9.60 -24.16
C TYR H 486 10.77 9.59 -25.69
N ARG H 487 9.90 10.38 -26.30
CA ARG H 487 9.82 10.47 -27.75
C ARG H 487 11.16 10.89 -28.36
N GLU H 488 11.76 11.91 -27.77
CA GLU H 488 13.04 12.43 -28.25
C GLU H 488 14.17 11.43 -28.10
N LYS H 489 14.35 10.90 -26.89
CA LYS H 489 15.40 9.95 -26.61
C LYS H 489 15.32 8.63 -27.38
N MET H 490 14.11 8.11 -27.57
CA MET H 490 13.94 6.83 -28.27
C MET H 490 13.69 6.98 -29.77
N GLY H 491 13.26 8.16 -30.20
CA GLY H 491 12.98 8.35 -31.61
C GLY H 491 11.71 7.65 -32.03
N ILE H 492 10.74 7.54 -31.10
CA ILE H 492 9.46 6.89 -31.37
C ILE H 492 8.33 7.87 -31.07
N PRO H 493 7.37 8.04 -31.99
CA PRO H 493 6.23 8.95 -31.82
C PRO H 493 5.19 8.36 -30.85
N ALA H 494 5.65 7.98 -29.67
CA ALA H 494 4.82 7.38 -28.64
C ALA H 494 3.57 8.19 -28.27
N LYS H 495 2.47 7.49 -28.04
CA LYS H 495 1.22 8.13 -27.64
C LYS H 495 0.94 7.68 -26.21
N LEU H 496 0.16 8.48 -25.49
CA LEU H 496 -0.20 8.15 -24.12
C LEU H 496 -1.71 8.13 -23.93
N ILE H 497 -2.22 7.02 -23.40
CA ILE H 497 -3.65 6.90 -23.14
C ILE H 497 -3.83 6.87 -21.63
N VAL H 498 -4.55 7.87 -21.10
CA VAL H 498 -4.80 7.94 -19.67
C VAL H 498 -6.15 7.30 -19.38
N CYS H 499 -6.13 6.11 -18.81
CA CYS H 499 -7.37 5.41 -18.50
C CYS H 499 -7.79 5.76 -17.08
N ALA H 500 -8.64 6.76 -16.94
CA ALA H 500 -9.11 7.23 -15.64
C ALA H 500 -9.88 6.17 -14.85
N MET H 501 -9.64 6.12 -13.55
CA MET H 501 -10.29 5.14 -12.70
C MET H 501 -11.29 5.74 -11.69
N THR H 502 -11.48 7.05 -11.74
CA THR H 502 -12.45 7.73 -10.86
C THR H 502 -13.16 8.84 -11.62
N SER H 503 -14.21 9.38 -11.01
CA SER H 503 -14.94 10.47 -11.63
C SER H 503 -14.43 11.83 -11.13
N ASN H 504 -13.15 11.90 -10.73
CA ASN H 504 -12.60 13.19 -10.32
C ASN H 504 -12.33 13.99 -11.60
N GLY H 505 -11.93 15.24 -11.49
CA GLY H 505 -11.70 16.02 -12.71
C GLY H 505 -10.28 16.28 -13.11
N PHE H 506 -9.37 15.37 -12.75
CA PHE H 506 -7.96 15.54 -13.07
C PHE H 506 -7.43 14.64 -14.18
N SER H 507 -6.42 15.15 -14.90
CA SER H 507 -5.81 14.40 -15.99
C SER H 507 -4.35 14.80 -16.16
N ILE H 508 -3.51 13.82 -16.44
CA ILE H 508 -2.08 14.07 -16.66
C ILE H 508 -1.84 14.23 -18.16
N ALA H 509 -2.92 14.17 -18.92
CA ALA H 509 -2.86 14.29 -20.38
C ALA H 509 -2.89 15.76 -20.81
N ASP H 510 -1.91 16.14 -21.63
CA ASP H 510 -1.80 17.50 -22.14
C ASP H 510 -2.87 17.73 -23.20
N PRO H 511 -3.82 18.63 -22.92
CA PRO H 511 -4.91 18.94 -23.86
C PRO H 511 -4.38 19.34 -25.22
N ASP H 512 -3.19 19.95 -25.23
CA ASP H 512 -2.59 20.42 -26.47
C ASP H 512 -1.68 19.43 -27.19
N ASP H 513 -1.68 18.17 -26.76
CA ASP H 513 -0.85 17.15 -27.40
C ASP H 513 -1.74 16.05 -28.00
N ARG H 514 -1.88 16.06 -29.33
CA ARG H 514 -2.69 15.07 -30.05
C ARG H 514 -2.22 13.64 -29.76
N GLY H 515 -1.02 13.50 -29.20
CA GLY H 515 -0.50 12.18 -28.89
C GLY H 515 -0.86 11.70 -27.51
N MET H 516 -1.75 12.43 -26.85
CA MET H 516 -2.20 12.06 -25.52
C MET H 516 -3.72 12.02 -25.54
N LEU H 517 -4.30 11.00 -24.93
CA LEU H 517 -5.76 10.83 -24.90
C LEU H 517 -6.35 10.46 -23.55
N ASP H 518 -7.48 11.09 -23.22
CA ASP H 518 -8.21 10.83 -21.97
C ASP H 518 -9.35 9.85 -22.24
N ILE H 519 -9.47 8.82 -21.41
CA ILE H 519 -10.58 7.87 -21.52
C ILE H 519 -10.82 7.36 -20.09
N CYS H 520 -11.86 6.56 -19.89
CA CYS H 520 -12.08 6.06 -18.55
C CYS H 520 -12.14 4.54 -18.51
N GLY H 521 -11.91 4.00 -17.31
CA GLY H 521 -11.94 2.57 -17.14
C GLY H 521 -13.36 2.02 -17.16
N PHE H 522 -13.46 0.76 -17.54
CA PHE H 522 -14.73 0.07 -17.62
C PHE H 522 -15.90 0.68 -18.38
N ASP H 523 -15.58 1.19 -19.56
CA ASP H 523 -16.55 1.71 -20.51
C ASP H 523 -16.43 0.51 -21.44
N SER H 524 -17.47 -0.31 -21.52
CA SER H 524 -17.41 -1.51 -22.36
C SER H 524 -17.05 -1.25 -23.83
N GLY H 525 -17.03 0.02 -24.22
CA GLY H 525 -16.69 0.35 -25.59
C GLY H 525 -15.29 0.96 -25.68
N ALA H 526 -14.50 0.79 -24.62
CA ALA H 526 -13.14 1.35 -24.57
C ALA H 526 -12.17 0.93 -25.67
N LEU H 527 -12.21 -0.34 -26.07
CA LEU H 527 -11.30 -0.85 -27.11
C LEU H 527 -11.38 -0.14 -28.45
N ASP H 528 -12.59 0.22 -28.88
CA ASP H 528 -12.77 0.92 -30.14
C ASP H 528 -12.04 2.26 -30.14
N VAL H 529 -12.15 3.00 -29.03
CA VAL H 529 -11.50 4.29 -28.91
C VAL H 529 -9.99 4.09 -28.87
N ILE H 530 -9.55 3.09 -28.12
CA ILE H 530 -8.13 2.80 -28.02
C ILE H 530 -7.59 2.46 -29.40
N ARG H 531 -8.31 1.62 -30.13
CA ARG H 531 -7.88 1.20 -31.46
C ARG H 531 -7.77 2.35 -32.46
N ASN H 532 -8.84 3.13 -32.62
CA ASN H 532 -8.83 4.25 -33.54
C ASN H 532 -7.70 5.23 -33.25
N PHE H 533 -7.53 5.58 -31.97
CA PHE H 533 -6.48 6.51 -31.57
C PHE H 533 -5.10 5.95 -31.87
N THR H 534 -4.92 4.65 -31.64
CA THR H 534 -3.65 4.00 -31.92
C THR H 534 -3.36 3.99 -33.41
N LEU H 535 -4.43 3.89 -34.21
CA LEU H 535 -4.31 3.83 -35.67
C LEU H 535 -4.47 5.16 -36.38
N ASP H 536 -4.62 6.25 -35.63
CA ASP H 536 -4.80 7.57 -36.24
C ASP H 536 -6.09 7.61 -37.05
N LEU H 537 -7.15 7.07 -36.47
CA LEU H 537 -8.47 7.05 -37.12
C LEU H 537 -9.45 7.93 -36.35
#